data_7KBA
#
_entry.id   7KBA
#
_cell.length_a   130.080
_cell.length_b   59.103
_cell.length_c   141.927
_cell.angle_alpha   90.000
_cell.angle_beta   91.450
_cell.angle_gamma   90.000
#
_symmetry.space_group_name_H-M   'C 1 2 1'
#
loop_
_entity.id
_entity.type
_entity.pdbx_description
1 polymer '2-18 Fab Heavy Chain'
2 polymer '2-18 Fab Light Chain'
3 water water
#
loop_
_entity_poly.entity_id
_entity_poly.type
_entity_poly.pdbx_seq_one_letter_code
_entity_poly.pdbx_strand_id
1 'polypeptide(L)'
;(PCA)VQLVQSGGGLVQPGGSLRVSCAASGFSFSDHDMDWVRQAPGKGFEWVGRSRNKDYSSTTEYAASVRGRFTISRHT
SEDLLYLELNTVKTEDTAVYFCARGPHHSDRSGYYGGTFDIWGQGTMVTVSSASTKGPSVFPLAPSSKSTSGGTAALGCL
VKDYFPEPVTVSWNSGALTSGVHTFPAVLQSSGLYSLSSVVTVPSSSLGTQTYICNVNHKPSNTKVDKKVEPKSCDKGLE
VLFQ
;
A,H
2 'polypeptide(L)'
;DIQMTQSPSSVSASVGDRVIITCRASQGISSWLAWYQQKPGRAPRLLIYDASTLESGVPSRFSGRGSGTEFTLTINSLQP
EDFATYYCQQGNMFPLTFGGGTKVEIKRTVAAPSVFIFPPSDEQLKSGTASVVCLLNNFYPREAKVQWKVDNALQSGNSQ
ESVTEQDSKDSTYSLSSTLTLSKADYEKHKVYACEVTHQGLSSPVTKSFNRGEC
;
B,L
#
# COMPACT_ATOMS: atom_id res chain seq x y z
N VAL A 2 27.27 -25.92 8.32
CA VAL A 2 27.29 -24.88 9.34
C VAL A 2 25.87 -24.62 9.62
N GLN A 3 25.47 -24.78 10.85
CA GLN A 3 24.09 -24.64 11.18
C GLN A 3 23.86 -24.13 12.57
N LEU A 4 22.68 -23.62 12.80
CA LEU A 4 22.31 -23.08 14.07
C LEU A 4 20.89 -23.42 14.35
N VAL A 5 20.65 -24.09 15.46
CA VAL A 5 19.33 -24.52 15.83
C VAL A 5 19.01 -23.87 17.17
N GLN A 6 17.85 -23.24 17.28
CA GLN A 6 17.49 -22.55 18.50
C GLN A 6 16.43 -23.32 19.25
N SER A 7 16.30 -23.01 20.52
CA SER A 7 15.31 -23.70 21.33
C SER A 7 15.05 -22.87 22.57
N GLY A 8 14.07 -23.34 23.33
CA GLY A 8 13.70 -22.66 24.54
C GLY A 8 12.63 -21.65 24.19
N GLY A 9 12.49 -20.67 25.07
CA GLY A 9 11.55 -19.60 24.85
C GLY A 9 10.11 -19.97 25.19
N GLY A 10 9.19 -19.16 24.68
CA GLY A 10 7.80 -19.35 25.00
C GLY A 10 7.34 -18.20 25.87
N LEU A 11 6.40 -18.51 26.77
CA LEU A 11 5.83 -17.54 27.69
C LEU A 11 6.77 -17.27 28.87
N VAL A 12 6.59 -16.10 29.49
CA VAL A 12 7.34 -15.72 30.68
C VAL A 12 6.63 -14.58 31.39
N GLN A 13 6.28 -14.76 32.66
CA GLN A 13 5.68 -13.68 33.44
C GLN A 13 6.59 -12.44 33.45
N PRO A 14 6.02 -11.24 33.31
CA PRO A 14 6.80 -10.02 33.53
C PRO A 14 7.52 -10.09 34.87
N GLY A 15 8.79 -9.70 34.84
CA GLY A 15 9.70 -9.75 35.96
C GLY A 15 10.26 -11.14 36.22
N GLY A 16 9.99 -12.09 35.33
CA GLY A 16 10.45 -13.46 35.47
C GLY A 16 11.78 -13.68 34.74
N SER A 17 12.11 -14.95 34.57
CA SER A 17 13.35 -15.32 33.95
C SER A 17 13.08 -16.40 32.91
N LEU A 18 13.97 -16.47 31.92
CA LEU A 18 13.83 -17.43 30.83
C LEU A 18 15.17 -17.64 30.17
N ARG A 19 15.48 -18.87 29.78
CA ARG A 19 16.73 -19.13 29.09
C ARG A 19 16.43 -19.58 27.67
N VAL A 20 17.13 -18.98 26.72
CA VAL A 20 16.98 -19.28 25.29
C VAL A 20 18.32 -19.87 24.85
N SER A 21 18.29 -20.92 24.05
CA SER A 21 19.53 -21.57 23.66
C SER A 21 19.62 -21.70 22.15
N CYS A 22 20.84 -22.04 21.72
CA CYS A 22 21.19 -22.24 20.32
C CYS A 22 22.30 -23.27 20.28
N ALA A 23 22.22 -24.19 19.31
CA ALA A 23 23.19 -25.26 19.14
C ALA A 23 23.82 -25.07 17.77
N ALA A 24 25.12 -25.21 17.70
CA ALA A 24 25.86 -25.02 16.49
C ALA A 24 26.60 -26.21 15.98
N SER A 25 26.48 -26.53 14.72
CA SER A 25 27.19 -27.65 14.20
C SER A 25 27.89 -27.29 12.94
N GLY A 26 28.89 -28.07 12.56
CA GLY A 26 29.58 -27.79 11.35
C GLY A 26 30.71 -26.83 11.41
N PHE A 27 31.05 -26.37 12.59
CA PHE A 27 32.15 -25.47 12.77
C PHE A 27 32.77 -25.55 14.15
N SER A 28 33.96 -24.99 14.28
CA SER A 28 34.64 -24.94 15.55
C SER A 28 34.03 -23.84 16.32
N PHE A 29 33.08 -24.18 17.17
CA PHE A 29 32.33 -23.22 17.97
C PHE A 29 33.24 -22.31 18.80
N SER A 30 34.36 -22.85 19.29
CA SER A 30 35.21 -22.09 20.19
C SER A 30 35.84 -20.91 19.49
N ASP A 31 36.20 -21.08 18.23
CA ASP A 31 36.96 -20.12 17.44
C ASP A 31 36.11 -18.97 16.86
N HIS A 32 34.82 -18.88 17.20
CA HIS A 32 33.96 -17.84 16.65
C HIS A 32 33.24 -17.03 17.72
N ASP A 33 33.00 -15.77 17.41
CA ASP A 33 32.16 -14.93 18.26
C ASP A 33 30.72 -15.27 17.89
N MET A 34 29.82 -15.27 18.88
CA MET A 34 28.42 -15.60 18.61
C MET A 34 27.53 -14.54 19.25
N ASP A 35 26.77 -13.81 18.43
CA ASP A 35 25.91 -12.75 18.94
C ASP A 35 24.43 -13.15 19.00
N TRP A 36 23.70 -12.40 19.83
CA TRP A 36 22.25 -12.52 20.02
C TRP A 36 21.65 -11.23 19.49
N VAL A 37 20.59 -11.37 18.68
CA VAL A 37 19.88 -10.27 18.03
C VAL A 37 18.40 -10.48 18.25
N ARG A 38 17.66 -9.41 18.49
CA ARG A 38 16.23 -9.54 18.73
C ARG A 38 15.45 -8.64 17.79
N GLN A 39 14.26 -9.13 17.40
CA GLN A 39 13.34 -8.41 16.53
C GLN A 39 12.00 -8.29 17.22
N ALA A 40 11.62 -7.05 17.52
CA ALA A 40 10.31 -6.82 18.11
C ALA A 40 9.24 -7.01 17.02
N PRO A 41 8.05 -7.46 17.39
CA PRO A 41 7.01 -7.77 16.39
C PRO A 41 6.66 -6.57 15.53
N GLY A 42 6.95 -6.70 14.23
CA GLY A 42 6.71 -5.62 13.29
C GLY A 42 7.75 -4.52 13.37
N LYS A 43 8.97 -4.86 13.76
CA LYS A 43 10.03 -3.89 13.95
C LYS A 43 11.31 -4.46 13.38
N GLY A 44 12.38 -3.64 13.42
CA GLY A 44 13.66 -4.05 12.91
C GLY A 44 14.48 -4.79 13.96
N PHE A 45 15.69 -5.17 13.55
CA PHE A 45 16.60 -5.88 14.43
C PHE A 45 17.32 -4.89 15.35
N GLU A 46 17.68 -5.40 16.52
CA GLU A 46 18.51 -4.71 17.50
C GLU A 46 19.48 -5.74 18.03
N TRP A 47 20.70 -5.32 18.23
CA TRP A 47 21.70 -6.26 18.69
C TRP A 47 21.60 -6.37 20.21
N VAL A 48 21.62 -7.60 20.71
CA VAL A 48 21.48 -7.81 22.14
C VAL A 48 22.83 -8.06 22.79
N GLY A 49 23.72 -8.76 22.10
CA GLY A 49 25.02 -8.97 22.72
C GLY A 49 25.83 -10.03 22.04
N ARG A 50 27.07 -10.16 22.50
CA ARG A 50 28.03 -11.09 21.97
C ARG A 50 28.62 -11.95 23.07
N SER A 51 28.92 -13.20 22.71
CA SER A 51 29.70 -14.16 23.51
C SER A 51 31.00 -14.31 22.73
N ARG A 52 32.12 -14.00 23.38
CA ARG A 52 33.44 -14.04 22.75
C ARG A 52 34.02 -15.45 22.65
N ASN A 53 34.99 -15.56 21.73
CA ASN A 53 35.62 -16.78 21.23
C ASN A 53 36.88 -17.29 21.94
N LYS A 54 36.87 -17.45 23.26
CA LYS A 54 37.88 -18.19 24.03
C LYS A 54 39.26 -17.57 24.00
N ASP A 55 39.42 -16.39 23.42
CA ASP A 55 40.70 -15.69 23.46
C ASP A 55 40.58 -14.44 24.32
N TYR A 56 39.43 -14.30 24.98
CA TYR A 56 39.07 -13.18 25.83
C TYR A 56 38.89 -13.67 27.26
N SER A 57 39.18 -12.77 28.20
CA SER A 57 38.97 -13.04 29.62
C SER A 57 37.66 -12.44 30.07
N SER A 58 37.27 -11.30 29.49
CA SER A 58 35.92 -10.79 29.60
C SER A 58 35.34 -11.27 28.29
N THR A 59 34.42 -12.22 28.38
CA THR A 59 33.95 -12.97 27.23
C THR A 59 32.62 -12.50 26.71
N THR A 60 32.17 -11.31 27.12
CA THR A 60 30.82 -10.90 26.78
C THR A 60 30.72 -9.39 26.60
N GLU A 61 29.86 -8.98 25.66
CA GLU A 61 29.50 -7.59 25.42
C GLU A 61 27.98 -7.46 25.27
N TYR A 62 27.39 -6.45 25.87
CA TYR A 62 25.94 -6.26 25.72
C TYR A 62 25.60 -4.85 25.28
N ALA A 63 24.39 -4.71 24.74
CA ALA A 63 23.86 -3.39 24.45
C ALA A 63 23.39 -2.78 25.77
N ALA A 64 23.46 -1.46 25.86
CA ALA A 64 23.10 -0.77 27.11
C ALA A 64 21.64 -0.99 27.50
N SER A 65 20.73 -1.09 26.53
CA SER A 65 19.32 -1.29 26.82
C SER A 65 19.03 -2.57 27.60
N VAL A 66 19.72 -3.67 27.28
CA VAL A 66 19.47 -4.92 27.98
C VAL A 66 20.55 -5.26 28.99
N ARG A 67 21.53 -4.36 29.16
CA ARG A 67 22.74 -4.64 29.93
C ARG A 67 22.50 -5.01 31.39
N GLY A 68 21.50 -4.46 32.06
CA GLY A 68 21.31 -4.89 33.41
C GLY A 68 20.41 -6.08 33.67
N ARG A 69 19.76 -6.60 32.64
CA ARG A 69 18.83 -7.70 32.79
C ARG A 69 19.20 -8.97 32.06
N PHE A 70 20.14 -8.92 31.12
CA PHE A 70 20.42 -10.10 30.30
C PHE A 70 21.83 -10.63 30.57
N THR A 71 21.96 -11.96 30.52
CA THR A 71 23.27 -12.60 30.71
C THR A 71 23.47 -13.60 29.58
N ILE A 72 24.59 -13.49 28.87
CA ILE A 72 24.90 -14.38 27.76
C ILE A 72 26.01 -15.32 28.21
N SER A 73 25.85 -16.62 27.92
CA SER A 73 26.85 -17.59 28.36
C SER A 73 26.97 -18.76 27.38
N ARG A 74 27.95 -19.62 27.61
CA ARG A 74 28.22 -20.79 26.78
C ARG A 74 28.28 -22.04 27.65
N HIS A 75 28.04 -23.19 27.01
CA HIS A 75 28.14 -24.45 27.72
C HIS A 75 29.61 -24.80 27.84
N THR A 76 29.95 -25.50 28.92
CA THR A 76 31.34 -25.85 29.19
C THR A 76 31.99 -26.63 28.04
N SER A 77 31.24 -27.55 27.44
CA SER A 77 31.82 -28.32 26.34
C SER A 77 30.86 -28.79 25.25
N GLU A 78 29.55 -28.49 25.32
CA GLU A 78 28.58 -29.09 24.41
C GLU A 78 28.24 -28.27 23.16
N ASP A 79 28.99 -27.20 22.82
CA ASP A 79 28.68 -26.38 21.64
C ASP A 79 27.32 -25.69 21.72
N LEU A 80 26.97 -25.15 22.89
CA LEU A 80 25.70 -24.46 23.05
C LEU A 80 25.94 -23.00 23.43
N LEU A 81 25.00 -22.15 23.01
CA LEU A 81 24.97 -20.73 23.35
C LEU A 81 23.71 -20.48 24.14
N TYR A 82 23.82 -19.75 25.24
CA TYR A 82 22.70 -19.44 26.09
C TYR A 82 22.50 -17.94 26.19
N LEU A 83 21.25 -17.57 26.42
CA LEU A 83 20.81 -16.20 26.61
C LEU A 83 19.79 -16.22 27.74
N GLU A 84 20.17 -15.86 28.95
CA GLU A 84 19.21 -15.89 30.05
C GLU A 84 18.69 -14.47 30.28
N LEU A 85 17.39 -14.32 30.10
CA LEU A 85 16.64 -13.08 30.23
C LEU A 85 16.09 -13.06 31.64
N ASN A 86 16.87 -12.46 32.54
CA ASN A 86 16.44 -12.25 33.92
C ASN A 86 15.57 -11.00 33.99
N THR A 87 14.61 -11.01 34.92
CA THR A 87 13.73 -9.85 35.18
C THR A 87 13.26 -9.21 33.88
N VAL A 88 12.55 -10.02 33.09
CA VAL A 88 12.10 -9.57 31.78
C VAL A 88 11.06 -8.47 31.91
N LYS A 89 11.04 -7.59 30.92
CA LYS A 89 10.05 -6.52 30.80
C LYS A 89 9.13 -6.79 29.62
N THR A 90 8.12 -5.93 29.49
CA THR A 90 7.20 -6.04 28.36
C THR A 90 7.88 -5.70 27.05
N GLU A 91 8.88 -4.82 27.06
CA GLU A 91 9.57 -4.48 25.82
C GLU A 91 10.54 -5.57 25.34
N ASP A 92 10.67 -6.69 26.07
CA ASP A 92 11.59 -7.75 25.69
C ASP A 92 10.90 -8.87 24.92
N THR A 93 9.62 -8.69 24.62
CA THR A 93 8.90 -9.66 23.82
C THR A 93 9.39 -9.49 22.39
N ALA A 94 9.90 -10.57 21.80
CA ALA A 94 10.48 -10.45 20.47
C ALA A 94 10.85 -11.85 19.99
N VAL A 95 11.43 -11.91 18.80
CA VAL A 95 12.04 -13.14 18.34
C VAL A 95 13.54 -12.95 18.51
N TYR A 96 14.15 -13.88 19.20
CA TYR A 96 15.56 -13.84 19.52
C TYR A 96 16.26 -14.78 18.54
N PHE A 97 17.23 -14.25 17.82
CA PHE A 97 18.02 -14.98 16.86
C PHE A 97 19.43 -15.10 17.39
N CYS A 98 20.03 -16.25 17.17
CA CYS A 98 21.45 -16.45 17.45
C CYS A 98 22.14 -16.32 16.11
N ALA A 99 23.30 -15.70 16.09
CA ALA A 99 24.00 -15.55 14.86
C ALA A 99 25.46 -15.79 15.11
N ARG A 100 26.18 -16.07 14.06
CA ARG A 100 27.57 -16.35 14.17
C ARG A 100 28.42 -15.20 13.71
N GLY A 101 29.41 -14.87 14.49
CA GLY A 101 30.27 -13.79 14.18
C GLY A 101 31.61 -14.14 13.63
N PRO A 102 32.50 -13.17 13.63
CA PRO A 102 33.82 -13.44 13.07
C PRO A 102 34.67 -14.42 13.87
N HIS A 103 35.55 -15.08 13.12
CA HIS A 103 36.52 -16.05 13.59
C HIS A 103 37.62 -15.33 14.37
N HIS A 104 38.27 -16.06 15.29
CA HIS A 104 39.28 -15.39 16.13
C HIS A 104 40.43 -14.80 15.33
N SER A 105 40.62 -15.21 14.08
CA SER A 105 41.66 -14.68 13.21
C SER A 105 41.16 -13.51 12.38
N ASP A 106 39.90 -13.14 12.56
CA ASP A 106 39.30 -12.03 11.84
C ASP A 106 39.70 -10.74 12.52
N ARG A 107 40.44 -9.91 11.81
CA ARG A 107 40.94 -8.68 12.43
C ARG A 107 39.81 -7.74 12.87
N SER A 108 38.72 -7.64 12.12
CA SER A 108 37.64 -6.74 12.48
C SER A 108 36.94 -7.08 13.81
N GLY A 109 36.88 -8.36 14.18
CA GLY A 109 36.05 -8.82 15.29
C GLY A 109 36.22 -8.20 16.67
N TYR A 110 37.39 -7.63 16.98
CA TYR A 110 37.56 -7.02 18.31
C TYR A 110 36.56 -5.87 18.56
N TYR A 111 36.35 -5.01 17.58
CA TYR A 111 35.44 -3.87 17.75
C TYR A 111 34.05 -4.08 17.19
N GLY A 112 33.85 -5.08 16.35
CA GLY A 112 32.54 -5.31 15.77
C GLY A 112 32.58 -6.49 14.85
N GLY A 113 31.86 -6.42 13.73
CA GLY A 113 31.91 -7.52 12.79
C GLY A 113 30.54 -7.83 12.24
N THR A 114 30.48 -8.67 11.21
CA THR A 114 29.21 -9.02 10.61
C THR A 114 28.99 -10.52 10.80
N PHE A 115 27.76 -10.95 10.54
CA PHE A 115 27.34 -12.33 10.66
C PHE A 115 27.29 -13.01 9.30
N ASP A 116 26.98 -14.29 9.31
CA ASP A 116 26.82 -15.07 8.09
C ASP A 116 25.76 -16.12 8.21
N ILE A 117 25.53 -16.62 9.40
CA ILE A 117 24.51 -17.63 9.56
C ILE A 117 23.69 -17.25 10.72
N TRP A 118 22.39 -17.38 10.62
CA TRP A 118 21.50 -17.07 11.69
C TRP A 118 20.69 -18.27 12.04
N GLY A 119 20.06 -18.25 13.19
CA GLY A 119 19.17 -19.31 13.60
C GLY A 119 17.80 -18.96 13.12
N GLN A 120 16.88 -19.91 13.30
CA GLN A 120 15.50 -19.72 12.86
C GLN A 120 14.77 -18.69 13.70
N GLY A 121 15.22 -18.45 14.92
CA GLY A 121 14.57 -17.54 15.83
C GLY A 121 13.79 -18.28 16.90
N THR A 122 13.60 -17.61 18.04
CA THR A 122 12.80 -18.16 19.13
C THR A 122 11.92 -17.05 19.63
N MET A 123 10.63 -17.33 19.78
CA MET A 123 9.69 -16.32 20.23
C MET A 123 9.60 -16.28 21.74
N VAL A 124 9.86 -15.10 22.30
CA VAL A 124 9.80 -14.85 23.73
C VAL A 124 8.64 -13.89 23.90
N THR A 125 7.60 -14.38 24.57
CA THR A 125 6.38 -13.64 24.84
C THR A 125 6.31 -13.35 26.32
N VAL A 126 6.19 -12.07 26.66
CA VAL A 126 6.13 -11.63 28.04
C VAL A 126 4.67 -11.35 28.35
N SER A 127 4.08 -12.15 29.23
CA SER A 127 2.68 -12.02 29.59
C SER A 127 2.47 -12.80 30.87
N SER A 128 1.35 -12.51 31.54
CA SER A 128 0.95 -13.23 32.74
C SER A 128 -0.28 -14.11 32.50
N ALA A 129 -0.62 -14.37 31.24
CA ALA A 129 -1.54 -15.44 30.87
C ALA A 129 -0.89 -16.80 31.11
N SER A 130 -1.62 -17.86 30.73
CA SER A 130 -1.14 -19.21 30.92
C SER A 130 -1.17 -19.98 29.60
N THR A 131 -0.32 -21.00 29.53
CA THR A 131 -0.19 -21.77 28.31
C THR A 131 -1.45 -22.57 28.04
N LYS A 132 -1.85 -22.60 26.76
CA LYS A 132 -2.96 -23.41 26.30
C LYS A 132 -2.58 -24.14 25.04
N GLY A 133 -2.92 -25.41 24.97
CA GLY A 133 -2.64 -26.16 23.78
C GLY A 133 -3.77 -25.86 22.82
N PRO A 134 -3.52 -26.05 21.54
CA PRO A 134 -4.53 -25.74 20.52
C PRO A 134 -5.47 -26.91 20.26
N SER A 135 -6.57 -26.60 19.59
CA SER A 135 -7.53 -27.56 19.08
C SER A 135 -7.41 -27.57 17.57
N VAL A 136 -7.43 -28.74 16.97
CA VAL A 136 -7.18 -28.85 15.52
C VAL A 136 -8.40 -29.46 14.85
N PHE A 137 -9.02 -28.68 13.95
CA PHE A 137 -10.28 -29.01 13.32
C PHE A 137 -10.12 -29.10 11.81
N PRO A 138 -10.59 -30.17 11.17
CA PRO A 138 -10.47 -30.27 9.71
C PRO A 138 -11.46 -29.35 9.00
N LEU A 139 -10.97 -28.65 7.99
CA LEU A 139 -11.81 -27.85 7.12
C LEU A 139 -11.86 -28.77 5.91
N ALA A 140 -12.93 -29.55 5.85
CA ALA A 140 -13.04 -30.57 4.82
C ALA A 140 -13.28 -29.98 3.44
N PRO A 141 -12.84 -30.70 2.41
CA PRO A 141 -13.06 -30.26 1.03
C PRO A 141 -14.48 -30.59 0.60
N SER A 142 -15.11 -29.70 -0.16
CA SER A 142 -16.45 -30.03 -0.64
C SER A 142 -16.74 -29.30 -1.95
N SER A 143 -18.02 -29.36 -2.40
CA SER A 143 -18.38 -28.60 -3.60
C SER A 143 -18.19 -27.11 -3.34
N LYS A 144 -18.45 -26.68 -2.09
CA LYS A 144 -18.23 -25.30 -1.65
C LYS A 144 -16.74 -24.94 -1.68
N SER A 145 -15.86 -25.92 -1.48
CA SER A 145 -14.43 -25.65 -1.51
C SER A 145 -13.78 -26.11 -2.82
N THR A 146 -14.55 -26.68 -3.75
CA THR A 146 -14.06 -27.11 -5.04
C THR A 146 -14.39 -26.03 -6.07
N SER A 147 -13.37 -25.61 -6.81
CA SER A 147 -13.46 -24.65 -7.88
C SER A 147 -13.31 -25.48 -9.14
N GLY A 148 -12.53 -25.03 -10.10
CA GLY A 148 -12.43 -25.87 -11.26
C GLY A 148 -11.09 -26.58 -11.28
N GLY A 149 -11.17 -27.91 -11.19
CA GLY A 149 -10.02 -28.78 -11.16
C GLY A 149 -9.30 -28.78 -9.84
N THR A 150 -9.84 -28.12 -8.82
CA THR A 150 -9.18 -28.01 -7.54
C THR A 150 -10.20 -28.03 -6.42
N ALA A 151 -9.68 -28.35 -5.24
CA ALA A 151 -10.42 -28.41 -4.00
C ALA A 151 -9.51 -27.75 -2.99
N ALA A 152 -10.09 -27.21 -1.94
CA ALA A 152 -9.26 -26.62 -0.92
C ALA A 152 -9.65 -27.25 0.40
N LEU A 153 -8.66 -27.70 1.14
CA LEU A 153 -8.90 -28.30 2.43
C LEU A 153 -7.90 -27.70 3.39
N GLY A 154 -8.22 -27.75 4.67
CA GLY A 154 -7.27 -27.17 5.59
C GLY A 154 -7.48 -27.60 7.02
N CYS A 155 -6.76 -26.92 7.89
CA CYS A 155 -6.80 -27.13 9.32
C CYS A 155 -7.11 -25.80 9.99
N LEU A 156 -7.86 -25.87 11.07
CA LEU A 156 -8.12 -24.70 11.91
C LEU A 156 -7.54 -25.01 13.29
N VAL A 157 -6.46 -24.32 13.62
CA VAL A 157 -5.80 -24.44 14.90
C VAL A 157 -6.34 -23.30 15.76
N LYS A 158 -7.03 -23.63 16.84
CA LYS A 158 -7.78 -22.68 17.63
C LYS A 158 -7.49 -22.69 19.13
N ASP A 159 -7.64 -21.51 19.72
CA ASP A 159 -7.54 -21.28 21.16
C ASP A 159 -6.23 -21.79 21.76
N TYR A 160 -5.12 -21.20 21.32
CA TYR A 160 -3.82 -21.57 21.83
C TYR A 160 -3.10 -20.31 22.27
N PHE A 161 -2.12 -20.49 23.14
CA PHE A 161 -1.28 -19.41 23.65
C PHE A 161 -0.10 -20.07 24.35
N PRO A 162 1.13 -19.58 24.16
CA PRO A 162 1.43 -18.39 23.37
C PRO A 162 1.76 -18.73 21.94
N GLU A 163 2.33 -17.85 21.33
CA GLU A 163 2.80 -18.02 19.99
C GLU A 163 4.23 -18.54 20.00
N PRO A 164 4.61 -19.40 19.04
CA PRO A 164 3.94 -19.61 17.76
C PRO A 164 3.39 -21.02 17.60
N VAL A 165 2.88 -21.28 16.40
CA VAL A 165 2.40 -22.59 15.99
C VAL A 165 3.01 -22.87 14.63
N THR A 166 3.43 -24.10 14.41
CA THR A 166 3.96 -24.52 13.11
C THR A 166 3.01 -25.52 12.48
N VAL A 167 2.75 -25.35 11.19
CA VAL A 167 1.86 -26.25 10.46
C VAL A 167 2.60 -26.68 9.21
N SER A 168 2.52 -27.98 8.94
CA SER A 168 3.13 -28.63 7.79
C SER A 168 2.11 -29.59 7.20
N TRP A 169 2.31 -29.99 5.97
CA TRP A 169 1.39 -30.93 5.33
C TRP A 169 2.14 -32.17 4.87
N ASN A 170 1.63 -33.34 5.21
CA ASN A 170 2.27 -34.62 4.89
C ASN A 170 3.77 -34.59 5.16
N SER A 171 4.11 -34.32 6.43
CA SER A 171 5.48 -34.33 6.92
C SER A 171 6.40 -33.42 6.12
N GLY A 172 5.85 -32.38 5.48
CA GLY A 172 6.68 -31.45 4.75
C GLY A 172 6.85 -31.77 3.29
N ALA A 173 6.17 -32.83 2.80
CA ALA A 173 6.30 -33.23 1.41
C ALA A 173 5.34 -32.48 0.52
N LEU A 174 4.28 -31.93 1.08
CA LEU A 174 3.34 -31.12 0.33
C LEU A 174 3.68 -29.65 0.60
N THR A 175 4.44 -29.04 -0.32
CA THR A 175 4.80 -27.63 -0.24
C THR A 175 4.30 -26.81 -1.40
N SER A 176 3.37 -27.33 -2.18
CA SER A 176 2.86 -26.63 -3.35
C SER A 176 1.42 -26.22 -3.05
N GLY A 177 1.15 -24.93 -3.06
CA GLY A 177 -0.22 -24.53 -2.85
C GLY A 177 -0.66 -24.39 -1.42
N VAL A 178 0.20 -24.67 -0.44
CA VAL A 178 -0.17 -24.55 0.95
C VAL A 178 -0.09 -23.09 1.34
N HIS A 179 -1.09 -22.61 2.09
CA HIS A 179 -1.12 -21.25 2.60
C HIS A 179 -1.35 -21.32 4.11
N THR A 180 -0.32 -21.00 4.87
CA THR A 180 -0.41 -20.96 6.34
C THR A 180 -0.69 -19.52 6.74
N PHE A 181 -1.76 -19.32 7.36
CA PHE A 181 -2.10 -17.93 7.58
C PHE A 181 -1.54 -17.43 8.91
N PRO A 182 -1.31 -16.12 9.01
CA PRO A 182 -0.96 -15.54 10.30
C PRO A 182 -2.05 -15.77 11.33
N ALA A 183 -1.65 -15.74 12.58
CA ALA A 183 -2.56 -16.01 13.67
C ALA A 183 -3.18 -14.70 14.12
N VAL A 184 -4.43 -14.73 14.51
CA VAL A 184 -5.14 -13.55 14.96
C VAL A 184 -5.42 -13.73 16.44
N LEU A 185 -5.21 -12.66 17.21
CA LEU A 185 -5.44 -12.69 18.65
C LEU A 185 -6.93 -12.45 18.91
N GLN A 186 -7.63 -13.49 19.35
CA GLN A 186 -9.06 -13.41 19.59
C GLN A 186 -9.36 -12.59 20.84
N SER A 187 -10.67 -12.36 21.03
CA SER A 187 -11.15 -11.57 22.17
C SER A 187 -10.73 -12.17 23.50
N SER A 188 -10.76 -13.51 23.59
CA SER A 188 -10.38 -14.21 24.81
C SER A 188 -8.90 -14.05 25.17
N GLY A 189 -8.06 -13.66 24.22
CA GLY A 189 -6.65 -13.56 24.45
C GLY A 189 -5.92 -14.76 23.91
N LEU A 190 -6.61 -15.59 23.14
CA LEU A 190 -6.07 -16.80 22.55
C LEU A 190 -5.98 -16.61 21.04
N TYR A 191 -5.01 -17.27 20.43
CA TYR A 191 -4.84 -17.16 18.99
C TYR A 191 -5.53 -18.29 18.24
N SER A 192 -5.72 -18.02 16.94
CA SER A 192 -6.32 -18.92 15.98
C SER A 192 -5.63 -18.67 14.66
N LEU A 193 -5.32 -19.75 13.95
CA LEU A 193 -4.74 -19.68 12.62
C LEU A 193 -5.35 -20.77 11.77
N SER A 194 -5.32 -20.55 10.46
CA SER A 194 -5.80 -21.51 9.49
C SER A 194 -4.67 -21.92 8.55
N SER A 195 -4.73 -23.15 8.09
CA SER A 195 -3.75 -23.68 7.15
C SER A 195 -4.56 -24.31 6.02
N VAL A 196 -4.46 -23.76 4.82
CA VAL A 196 -5.21 -24.37 3.73
C VAL A 196 -4.24 -24.82 2.68
N VAL A 197 -4.62 -25.82 1.92
CA VAL A 197 -3.85 -26.25 0.77
C VAL A 197 -4.86 -26.56 -0.31
N THR A 198 -4.61 -26.08 -1.52
CA THR A 198 -5.50 -26.35 -2.64
C THR A 198 -4.84 -27.47 -3.46
N VAL A 199 -5.58 -28.56 -3.70
CA VAL A 199 -5.06 -29.71 -4.44
C VAL A 199 -5.96 -30.10 -5.60
N PRO A 200 -5.54 -31.03 -6.47
CA PRO A 200 -6.42 -31.44 -7.56
C PRO A 200 -7.56 -32.32 -7.06
N SER A 201 -8.75 -32.08 -7.60
CA SER A 201 -9.95 -32.78 -7.16
C SER A 201 -9.84 -34.30 -7.35
N SER A 202 -9.21 -34.71 -8.44
CA SER A 202 -9.08 -36.13 -8.78
C SER A 202 -8.33 -36.95 -7.72
N SER A 203 -7.47 -36.34 -6.92
CA SER A 203 -6.73 -37.08 -5.90
C SER A 203 -7.46 -37.21 -4.55
N LEU A 204 -8.60 -36.53 -4.36
CA LEU A 204 -9.28 -36.51 -3.07
C LEU A 204 -9.82 -37.87 -2.61
N GLY A 205 -10.01 -38.83 -3.50
CA GLY A 205 -10.41 -40.13 -3.00
C GLY A 205 -9.25 -41.11 -2.88
N THR A 206 -8.12 -40.78 -3.51
CA THR A 206 -6.92 -41.62 -3.48
C THR A 206 -5.82 -41.09 -2.55
N GLN A 207 -5.52 -39.79 -2.60
CA GLN A 207 -4.45 -39.22 -1.79
C GLN A 207 -4.89 -38.93 -0.36
N THR A 208 -3.97 -39.17 0.58
CA THR A 208 -4.24 -38.96 2.00
C THR A 208 -3.60 -37.65 2.44
N TYR A 209 -4.34 -36.87 3.22
CA TYR A 209 -3.93 -35.52 3.60
C TYR A 209 -3.88 -35.39 5.11
N ILE A 210 -2.68 -35.29 5.65
CA ILE A 210 -2.46 -35.07 7.07
C ILE A 210 -1.79 -33.73 7.25
N CYS A 211 -2.44 -32.83 7.98
CA CYS A 211 -1.76 -31.61 8.43
C CYS A 211 -1.12 -31.86 9.79
N ASN A 212 0.11 -31.38 9.95
CA ASN A 212 0.87 -31.55 11.16
C ASN A 212 0.91 -30.21 11.88
N VAL A 213 0.53 -30.22 13.16
CA VAL A 213 0.44 -29.00 13.97
C VAL A 213 1.31 -29.18 15.20
N ASN A 214 2.27 -28.26 15.37
CA ASN A 214 3.17 -28.24 16.51
C ASN A 214 2.97 -26.95 17.31
N HIS A 215 2.86 -27.09 18.62
CA HIS A 215 2.82 -26.00 19.60
C HIS A 215 3.83 -26.41 20.66
N LYS A 216 5.08 -26.03 20.43
CA LYS A 216 6.13 -26.37 21.38
C LYS A 216 5.91 -25.79 22.78
N PRO A 217 5.40 -24.55 22.95
CA PRO A 217 5.20 -24.04 24.32
C PRO A 217 4.37 -24.95 25.21
N SER A 218 3.32 -25.58 24.69
CA SER A 218 2.50 -26.49 25.45
C SER A 218 2.85 -27.95 25.19
N ASN A 219 3.81 -28.20 24.29
CA ASN A 219 4.26 -29.55 23.97
C ASN A 219 3.15 -30.37 23.32
N THR A 220 2.45 -29.76 22.38
CA THR A 220 1.30 -30.38 21.76
C THR A 220 1.59 -30.58 20.29
N LYS A 221 1.46 -31.81 19.82
CA LYS A 221 1.52 -32.10 18.39
C LYS A 221 0.33 -32.95 17.98
N VAL A 222 -0.30 -32.56 16.89
CA VAL A 222 -1.49 -33.23 16.39
C VAL A 222 -1.33 -33.41 14.89
N ASP A 223 -1.48 -34.64 14.41
CA ASP A 223 -1.40 -34.93 12.98
C ASP A 223 -2.81 -35.34 12.52
N LYS A 224 -3.49 -34.38 11.90
CA LYS A 224 -4.92 -34.44 11.63
C LYS A 224 -5.18 -34.93 10.21
N LYS A 225 -6.09 -35.91 10.10
CA LYS A 225 -6.57 -36.39 8.81
C LYS A 225 -7.76 -35.53 8.37
N VAL A 226 -7.55 -34.71 7.36
CA VAL A 226 -8.63 -34.01 6.70
C VAL A 226 -9.17 -34.92 5.62
N GLU A 227 -10.49 -35.07 5.56
CA GLU A 227 -11.07 -36.06 4.69
C GLU A 227 -12.29 -35.47 4.02
N PRO A 228 -12.57 -35.84 2.77
CA PRO A 228 -13.82 -35.41 2.13
C PRO A 228 -15.03 -35.91 2.90
N LYS A 229 -15.91 -34.98 3.27
CA LYS A 229 -17.16 -35.38 3.91
C LYS A 229 -17.86 -36.42 3.04
N SER A 230 -18.69 -37.23 3.68
CA SER A 230 -19.32 -38.38 3.03
C SER A 230 -20.44 -37.94 2.08
N CYS A 231 -20.99 -36.73 2.29
CA CYS A 231 -22.28 -36.34 1.73
C CYS A 231 -22.19 -35.52 0.44
N ASP B 1 24.52 4.11 19.02
CA ASP B 1 25.66 5.02 18.97
C ASP B 1 26.06 5.38 17.53
N ILE B 2 25.91 4.46 16.57
CA ILE B 2 26.10 4.77 15.17
C ILE B 2 24.73 4.60 14.54
N GLN B 3 24.17 5.69 14.00
CA GLN B 3 22.84 5.62 13.42
C GLN B 3 22.87 5.22 11.96
N MET B 4 21.89 4.43 11.57
CA MET B 4 21.74 3.92 10.24
C MET B 4 20.43 4.32 9.62
N THR B 5 20.49 5.01 8.53
CA THR B 5 19.32 5.45 7.85
C THR B 5 19.19 4.74 6.56
N GLN B 6 18.17 3.96 6.45
CA GLN B 6 17.90 3.21 5.29
C GLN B 6 16.68 3.78 4.58
N SER B 7 16.76 3.87 3.28
CA SER B 7 15.67 4.34 2.49
C SER B 7 15.69 3.52 1.28
N PRO B 8 14.53 3.13 0.83
CA PRO B 8 13.19 3.47 1.23
C PRO B 8 12.65 2.56 2.28
N SER B 9 11.58 2.90 2.92
CA SER B 9 10.97 1.97 3.82
C SER B 9 10.27 0.83 3.10
N SER B 10 9.63 1.14 1.99
CA SER B 10 8.84 0.22 1.19
C SER B 10 9.00 0.46 -0.32
N VAL B 11 9.18 -0.57 -1.14
CA VAL B 11 9.33 -0.44 -2.59
C VAL B 11 8.49 -1.47 -3.31
N SER B 12 7.89 -1.05 -4.42
CA SER B 12 7.12 -1.92 -5.32
C SER B 12 7.73 -1.80 -6.71
N ALA B 13 8.00 -2.95 -7.33
CA ALA B 13 8.58 -2.98 -8.67
C ALA B 13 7.99 -4.17 -9.43
N SER B 14 8.25 -4.22 -10.72
CA SER B 14 7.80 -5.33 -11.53
C SER B 14 8.91 -6.37 -11.62
N VAL B 15 8.58 -7.51 -12.23
CA VAL B 15 9.60 -8.52 -12.48
C VAL B 15 10.53 -8.02 -13.56
N GLY B 16 11.84 -8.07 -13.29
CA GLY B 16 12.84 -7.63 -14.23
C GLY B 16 13.37 -6.23 -13.99
N ASP B 17 12.75 -5.47 -13.08
CA ASP B 17 13.12 -4.10 -12.79
C ASP B 17 14.27 -3.98 -11.80
N ARG B 18 14.92 -2.83 -11.87
CA ARG B 18 16.06 -2.49 -11.03
C ARG B 18 15.60 -1.77 -9.77
N VAL B 19 16.02 -2.28 -8.61
CA VAL B 19 15.67 -1.75 -7.30
C VAL B 19 16.98 -1.32 -6.65
N ILE B 20 16.97 -0.15 -6.03
CA ILE B 20 18.12 0.37 -5.35
C ILE B 20 17.75 0.78 -3.95
N ILE B 21 18.61 0.47 -3.04
CA ILE B 21 18.45 0.82 -1.68
C ILE B 21 19.72 1.40 -1.08
N THR B 22 19.61 2.54 -0.44
CA THR B 22 20.78 3.18 0.16
C THR B 22 20.78 3.11 1.66
N CYS B 23 21.95 3.21 2.24
CA CYS B 23 22.11 3.19 3.63
C CYS B 23 23.05 4.34 4.07
N ARG B 24 22.70 5.07 5.11
CA ARG B 24 23.50 6.20 5.58
C ARG B 24 23.98 5.92 7.00
N ALA B 25 25.26 6.16 7.26
CA ALA B 25 25.88 5.97 8.58
C ALA B 25 26.25 7.31 9.20
N SER B 26 26.10 7.40 10.53
CA SER B 26 26.43 8.65 11.24
C SER B 26 27.91 8.98 11.16
N GLN B 27 28.76 7.99 11.38
CA GLN B 27 30.19 8.15 11.22
C GLN B 27 30.68 7.12 10.22
N GLY B 28 31.91 7.30 9.77
CA GLY B 28 32.47 6.39 8.77
C GLY B 28 32.72 5.01 9.35
N ILE B 29 32.23 3.99 8.66
CA ILE B 29 32.42 2.61 9.08
C ILE B 29 33.35 1.87 8.15
N SER B 30 34.05 2.59 7.26
CA SER B 30 34.97 2.04 6.27
C SER B 30 34.18 1.06 5.40
N SER B 31 34.55 -0.21 5.31
CA SER B 31 33.80 -1.19 4.53
C SER B 31 33.11 -2.21 5.43
N TRP B 32 32.88 -1.86 6.69
CA TRP B 32 32.29 -2.79 7.66
C TRP B 32 30.77 -2.77 7.61
N LEU B 33 30.25 -3.23 6.47
CA LEU B 33 28.81 -3.25 6.25
C LEU B 33 28.43 -4.59 5.64
N ALA B 34 27.28 -5.09 6.04
CA ALA B 34 26.73 -6.33 5.51
C ALA B 34 25.29 -6.08 5.11
N TRP B 35 24.77 -6.91 4.22
CA TRP B 35 23.39 -6.81 3.77
C TRP B 35 22.74 -8.16 3.91
N TYR B 36 21.55 -8.18 4.53
CA TYR B 36 20.80 -9.40 4.79
C TYR B 36 19.41 -9.30 4.16
N GLN B 37 18.86 -10.48 3.88
CA GLN B 37 17.54 -10.60 3.27
C GLN B 37 16.71 -11.50 4.17
N GLN B 38 15.63 -10.97 4.71
CA GLN B 38 14.71 -11.70 5.57
C GLN B 38 13.41 -11.97 4.83
N LYS B 39 13.25 -13.21 4.36
CA LYS B 39 11.98 -13.61 3.82
C LYS B 39 11.04 -13.87 5.00
N PRO B 40 9.79 -13.44 4.94
CA PRO B 40 8.95 -13.46 6.14
C PRO B 40 8.71 -14.85 6.69
N GLY B 41 8.94 -14.98 8.00
CA GLY B 41 8.78 -16.21 8.71
C GLY B 41 10.04 -17.04 8.81
N ARG B 42 11.00 -16.78 7.93
CA ARG B 42 12.27 -17.47 7.91
C ARG B 42 13.31 -16.69 8.71
N ALA B 43 14.54 -17.15 8.61
CA ALA B 43 15.71 -16.57 9.23
C ALA B 43 16.35 -15.61 8.24
N PRO B 44 17.18 -14.70 8.71
CA PRO B 44 17.87 -13.83 7.77
C PRO B 44 18.94 -14.61 7.04
N ARG B 45 19.30 -14.09 5.90
CA ARG B 45 20.27 -14.65 5.00
C ARG B 45 21.32 -13.59 4.72
N LEU B 46 22.58 -13.98 4.71
CA LEU B 46 23.59 -13.00 4.35
C LEU B 46 23.58 -12.88 2.84
N LEU B 47 23.61 -11.63 2.37
CA LEU B 47 23.68 -11.32 0.96
C LEU B 47 25.03 -10.75 0.56
N ILE B 48 25.46 -9.71 1.27
CA ILE B 48 26.71 -9.03 0.95
C ILE B 48 27.48 -8.75 2.23
N TYR B 49 28.80 -8.90 2.18
CA TYR B 49 29.64 -8.48 3.30
C TYR B 49 30.80 -7.67 2.75
N ASP B 50 31.50 -6.96 3.65
CA ASP B 50 32.62 -6.09 3.28
C ASP B 50 32.19 -5.01 2.28
N ALA B 51 30.95 -4.53 2.45
CA ALA B 51 30.29 -3.53 1.59
C ALA B 51 29.94 -4.05 0.19
N SER B 52 30.91 -4.54 -0.57
CA SER B 52 30.64 -4.99 -1.93
C SER B 52 30.84 -6.47 -2.19
N THR B 53 31.30 -7.27 -1.23
CA THR B 53 31.63 -8.67 -1.51
C THR B 53 30.37 -9.54 -1.49
N LEU B 54 30.12 -10.23 -2.60
CA LEU B 54 28.95 -11.09 -2.71
C LEU B 54 29.27 -12.44 -2.06
N GLU B 55 28.40 -12.89 -1.16
CA GLU B 55 28.61 -14.14 -0.44
C GLU B 55 28.27 -15.30 -1.37
N SER B 56 29.06 -16.36 -1.30
CA SER B 56 28.85 -17.53 -2.15
C SER B 56 27.42 -18.06 -2.02
N GLY B 57 26.87 -18.49 -3.15
CA GLY B 57 25.51 -18.96 -3.22
C GLY B 57 24.46 -17.92 -3.62
N VAL B 58 24.78 -16.63 -3.54
CA VAL B 58 23.83 -15.58 -3.88
C VAL B 58 23.86 -15.24 -5.36
N PRO B 59 22.70 -15.09 -6.00
CA PRO B 59 22.65 -14.72 -7.43
C PRO B 59 23.46 -13.46 -7.72
N SER B 60 24.13 -13.47 -8.87
CA SER B 60 24.98 -12.36 -9.28
C SER B 60 24.22 -11.07 -9.58
N ARG B 61 22.90 -11.08 -9.52
CA ARG B 61 22.13 -9.86 -9.73
C ARG B 61 22.24 -8.90 -8.55
N PHE B 62 22.36 -9.41 -7.33
CA PHE B 62 22.59 -8.56 -6.17
C PHE B 62 23.97 -7.91 -6.24
N SER B 63 24.06 -6.67 -5.78
CA SER B 63 25.36 -6.02 -5.76
C SER B 63 25.35 -4.85 -4.80
N GLY B 64 26.30 -4.85 -3.88
CA GLY B 64 26.47 -3.75 -2.95
C GLY B 64 27.68 -2.91 -3.38
N ARG B 65 27.57 -1.60 -3.19
CA ARG B 65 28.68 -0.71 -3.46
C ARG B 65 28.76 0.29 -2.32
N GLY B 66 29.78 1.13 -2.33
CA GLY B 66 29.86 2.20 -1.35
C GLY B 66 30.94 1.96 -0.30
N SER B 67 31.09 3.00 0.53
CA SER B 67 32.05 2.92 1.61
C SER B 67 31.76 4.04 2.60
N GLY B 68 32.50 4.02 3.71
CA GLY B 68 32.43 5.10 4.65
C GLY B 68 31.05 5.27 5.25
N THR B 69 30.39 6.38 4.92
CA THR B 69 29.05 6.67 5.38
C THR B 69 27.94 6.48 4.35
N GLU B 70 28.23 6.08 3.11
CA GLU B 70 27.15 5.89 2.12
C GLU B 70 27.29 4.56 1.40
N PHE B 71 26.24 3.72 1.50
CA PHE B 71 26.23 2.40 0.89
C PHE B 71 24.96 2.14 0.10
N THR B 72 25.06 1.22 -0.86
CA THR B 72 23.88 0.84 -1.62
C THR B 72 23.86 -0.66 -1.85
N LEU B 73 22.67 -1.13 -2.19
CA LEU B 73 22.37 -2.51 -2.56
C LEU B 73 21.39 -2.49 -3.74
N THR B 74 21.92 -2.77 -4.92
CA THR B 74 21.12 -2.89 -6.12
C THR B 74 20.63 -4.32 -6.26
N ILE B 75 19.49 -4.46 -6.93
CA ILE B 75 18.92 -5.72 -7.37
C ILE B 75 18.49 -5.48 -8.80
N ASN B 76 19.23 -6.04 -9.77
CA ASN B 76 19.05 -5.61 -11.15
C ASN B 76 17.78 -6.18 -11.78
N SER B 77 17.62 -7.48 -11.80
CA SER B 77 16.43 -8.08 -12.41
C SER B 77 15.60 -8.67 -11.26
N LEU B 78 14.59 -7.92 -10.84
CA LEU B 78 13.76 -8.35 -9.71
C LEU B 78 13.00 -9.64 -9.99
N GLN B 79 13.09 -10.57 -9.05
CA GLN B 79 12.38 -11.81 -9.28
C GLN B 79 11.31 -11.97 -8.20
N PRO B 80 10.24 -12.74 -8.48
CA PRO B 80 9.19 -12.89 -7.45
C PRO B 80 9.74 -13.44 -6.15
N GLU B 81 10.73 -14.31 -6.23
CA GLU B 81 11.38 -14.88 -5.07
C GLU B 81 12.23 -13.87 -4.31
N ASP B 82 12.49 -12.69 -4.86
CA ASP B 82 13.30 -11.68 -4.18
C ASP B 82 12.48 -10.80 -3.23
N PHE B 83 11.28 -11.23 -2.86
CA PHE B 83 10.41 -10.47 -1.97
C PHE B 83 10.83 -10.75 -0.52
N ALA B 84 11.15 -9.70 0.22
CA ALA B 84 11.61 -9.84 1.60
C ALA B 84 11.74 -8.45 2.19
N THR B 85 12.35 -8.38 3.37
CA THR B 85 12.78 -7.12 3.96
C THR B 85 14.30 -7.16 4.01
N TYR B 86 14.94 -6.08 3.57
CA TYR B 86 16.38 -6.01 3.42
C TYR B 86 16.94 -5.08 4.47
N TYR B 87 18.08 -5.51 5.07
CA TYR B 87 18.72 -4.76 6.15
C TYR B 87 20.22 -4.58 5.97
N CYS B 88 20.69 -3.37 6.25
CA CYS B 88 22.12 -3.12 6.31
C CYS B 88 22.53 -3.27 7.77
N GLN B 89 23.75 -3.77 7.98
CA GLN B 89 24.35 -3.86 9.31
C GLN B 89 25.75 -3.26 9.31
N GLN B 90 26.01 -2.50 10.36
CA GLN B 90 27.28 -1.81 10.58
C GLN B 90 28.12 -2.63 11.54
N GLY B 91 29.37 -2.94 11.14
CA GLY B 91 30.23 -3.73 11.98
C GLY B 91 31.45 -3.02 12.51
N ASN B 92 31.45 -1.70 12.47
CA ASN B 92 32.61 -0.90 12.85
C ASN B 92 32.78 -0.75 14.36
N MET B 93 31.71 -0.58 15.11
CA MET B 93 31.94 -0.42 16.53
C MET B 93 30.73 -1.00 17.26
N PHE B 94 30.91 -1.35 18.50
CA PHE B 94 29.79 -1.80 19.31
C PHE B 94 29.01 -0.60 19.79
N PRO B 95 27.67 -0.67 19.80
CA PRO B 95 26.73 -1.74 19.51
C PRO B 95 26.62 -2.04 18.05
N LEU B 96 26.40 -3.30 17.69
CA LEU B 96 26.16 -3.61 16.29
C LEU B 96 24.78 -3.06 15.97
N THR B 97 24.68 -2.32 14.89
CA THR B 97 23.49 -1.56 14.64
C THR B 97 22.96 -1.83 13.24
N PHE B 98 21.64 -1.89 13.11
CA PHE B 98 21.06 -2.22 11.83
C PHE B 98 20.28 -1.03 11.26
N GLY B 99 19.95 -1.15 9.99
CA GLY B 99 19.05 -0.20 9.37
C GLY B 99 17.62 -0.50 9.80
N GLY B 100 16.71 0.37 9.37
CA GLY B 100 15.32 0.18 9.70
C GLY B 100 14.65 -0.87 8.84
N GLY B 101 15.28 -1.20 7.74
CA GLY B 101 14.79 -2.15 6.79
C GLY B 101 13.96 -1.57 5.69
N THR B 102 14.02 -2.21 4.55
CA THR B 102 13.27 -1.89 3.36
C THR B 102 12.49 -3.09 2.87
N LYS B 103 11.20 -2.96 2.76
CA LYS B 103 10.36 -4.04 2.24
C LYS B 103 10.25 -4.00 0.71
N VAL B 104 10.49 -5.11 0.03
CA VAL B 104 10.44 -5.16 -1.43
C VAL B 104 9.26 -6.04 -1.84
N GLU B 105 8.37 -5.50 -2.67
CA GLU B 105 7.20 -6.20 -3.16
C GLU B 105 7.15 -6.12 -4.67
N ILE B 106 6.46 -7.08 -5.27
CA ILE B 106 6.21 -7.09 -6.71
C ILE B 106 4.98 -6.25 -7.07
N LYS B 107 4.89 -5.91 -8.34
CA LYS B 107 3.73 -5.35 -9.00
C LYS B 107 3.39 -6.38 -10.06
N ARG B 108 2.18 -6.90 -10.04
CA ARG B 108 1.84 -7.89 -11.05
C ARG B 108 0.52 -7.57 -11.72
N THR B 109 0.10 -8.46 -12.61
CA THR B 109 -1.17 -8.33 -13.31
C THR B 109 -2.33 -8.64 -12.36
N VAL B 110 -3.33 -7.75 -12.33
CA VAL B 110 -4.43 -7.94 -11.38
C VAL B 110 -4.99 -9.34 -11.50
N ALA B 111 -5.23 -9.96 -10.36
CA ALA B 111 -5.77 -11.31 -10.30
C ALA B 111 -6.95 -11.34 -9.36
N ALA B 112 -8.08 -11.99 -9.80
CA ALA B 112 -9.26 -12.11 -8.97
C ALA B 112 -9.15 -13.37 -8.11
N PRO B 113 -9.65 -13.33 -6.89
CA PRO B 113 -9.50 -14.45 -5.98
C PRO B 113 -10.55 -15.53 -6.12
N SER B 114 -10.13 -16.74 -5.75
CA SER B 114 -11.06 -17.86 -5.69
C SER B 114 -11.65 -17.80 -4.31
N VAL B 115 -12.96 -18.03 -4.18
CA VAL B 115 -13.63 -17.93 -2.90
C VAL B 115 -14.13 -19.30 -2.50
N PHE B 116 -13.76 -19.74 -1.29
CA PHE B 116 -14.08 -21.07 -0.76
C PHE B 116 -14.65 -20.88 0.63
N ILE B 117 -15.72 -21.60 0.97
CA ILE B 117 -16.34 -21.50 2.29
C ILE B 117 -16.25 -22.86 2.97
N PHE B 118 -16.06 -22.83 4.29
CA PHE B 118 -15.87 -24.04 5.10
C PHE B 118 -16.83 -23.98 6.27
N PRO B 119 -17.85 -24.86 6.30
CA PRO B 119 -18.76 -24.93 7.47
C PRO B 119 -18.06 -25.53 8.68
N PRO B 120 -18.66 -25.45 9.87
CA PRO B 120 -18.00 -26.06 11.05
C PRO B 120 -18.02 -27.58 10.99
N SER B 121 -16.89 -28.18 11.37
CA SER B 121 -16.82 -29.63 11.48
C SER B 121 -17.63 -30.06 12.69
N ASP B 122 -18.24 -31.25 12.61
CA ASP B 122 -19.00 -31.73 13.75
C ASP B 122 -18.12 -31.86 14.99
N GLU B 123 -16.80 -32.07 14.80
CA GLU B 123 -15.88 -32.06 15.93
C GLU B 123 -15.99 -30.75 16.69
N GLN B 124 -15.77 -29.63 16.02
CA GLN B 124 -15.87 -28.35 16.71
C GLN B 124 -17.28 -28.14 17.26
N LEU B 125 -18.29 -28.77 16.64
CA LEU B 125 -19.68 -28.59 17.08
C LEU B 125 -19.97 -29.33 18.38
N LYS B 126 -19.36 -30.50 18.61
CA LYS B 126 -19.65 -31.22 19.85
C LYS B 126 -19.08 -30.48 21.05
N SER B 127 -18.00 -29.73 20.83
CA SER B 127 -17.41 -28.87 21.84
C SER B 127 -18.25 -27.63 22.17
N GLY B 128 -19.30 -27.34 21.39
CA GLY B 128 -20.17 -26.22 21.69
C GLY B 128 -19.86 -24.92 20.98
N THR B 129 -18.96 -24.90 20.02
CA THR B 129 -18.58 -23.68 19.32
C THR B 129 -18.71 -23.90 17.82
N ALA B 130 -19.09 -22.86 17.09
CA ALA B 130 -19.18 -22.96 15.65
C ALA B 130 -18.26 -21.89 15.04
N SER B 131 -17.47 -22.30 14.05
CA SER B 131 -16.61 -21.37 13.32
C SER B 131 -16.74 -21.68 11.84
N VAL B 132 -17.18 -20.68 11.07
CA VAL B 132 -17.25 -20.75 9.62
C VAL B 132 -16.08 -19.97 9.03
N VAL B 133 -15.39 -20.58 8.09
CA VAL B 133 -14.20 -19.96 7.51
C VAL B 133 -14.48 -19.62 6.06
N CYS B 134 -14.06 -18.42 5.64
CA CYS B 134 -14.07 -18.03 4.25
C CYS B 134 -12.61 -17.88 3.82
N LEU B 135 -12.30 -18.35 2.61
CA LEU B 135 -10.96 -18.25 2.06
C LEU B 135 -10.98 -17.55 0.71
N LEU B 136 -10.04 -16.62 0.54
CA LEU B 136 -9.80 -15.85 -0.67
C LEU B 136 -8.44 -16.32 -1.13
N ASN B 137 -8.34 -16.79 -2.35
CA ASN B 137 -7.09 -17.40 -2.78
C ASN B 137 -6.49 -16.81 -4.05
N ASN B 138 -5.20 -16.49 -3.97
CA ASN B 138 -4.32 -16.00 -5.05
C ASN B 138 -4.89 -14.79 -5.80
N PHE B 139 -4.98 -13.67 -5.09
CA PHE B 139 -5.41 -12.41 -5.67
C PHE B 139 -4.32 -11.36 -5.55
N TYR B 140 -4.47 -10.29 -6.36
CA TYR B 140 -3.64 -9.09 -6.47
C TYR B 140 -4.47 -7.95 -7.05
N PRO B 141 -4.50 -6.78 -6.41
CA PRO B 141 -3.59 -6.29 -5.37
C PRO B 141 -4.01 -6.82 -4.00
N ARG B 142 -3.46 -6.28 -2.91
CA ARG B 142 -3.77 -6.80 -1.58
C ARG B 142 -5.09 -6.34 -0.99
N GLU B 143 -5.64 -5.21 -1.40
CA GLU B 143 -6.89 -4.78 -0.81
C GLU B 143 -8.03 -5.71 -1.24
N ALA B 144 -8.90 -6.05 -0.30
CA ALA B 144 -10.05 -6.90 -0.56
C ALA B 144 -11.04 -6.69 0.57
N LYS B 145 -12.29 -7.04 0.32
CA LYS B 145 -13.30 -6.86 1.34
C LYS B 145 -14.11 -8.15 1.48
N VAL B 146 -14.36 -8.55 2.73
CA VAL B 146 -15.12 -9.76 3.04
C VAL B 146 -16.24 -9.40 4.02
N GLN B 147 -17.49 -9.61 3.61
CA GLN B 147 -18.64 -9.32 4.44
C GLN B 147 -19.37 -10.61 4.77
N TRP B 148 -19.53 -10.90 6.06
CA TRP B 148 -20.30 -12.05 6.49
C TRP B 148 -21.78 -11.67 6.63
N LYS B 149 -22.65 -12.50 6.06
CA LYS B 149 -24.09 -12.32 6.28
C LYS B 149 -24.68 -13.62 6.79
N VAL B 150 -25.40 -13.51 7.90
CA VAL B 150 -26.15 -14.61 8.48
C VAL B 150 -27.61 -14.28 8.31
N ASP B 151 -28.32 -15.11 7.54
CA ASP B 151 -29.72 -14.84 7.19
C ASP B 151 -29.89 -13.42 6.63
N ASN B 152 -28.93 -13.03 5.79
CA ASN B 152 -28.88 -11.69 5.19
C ASN B 152 -28.83 -10.58 6.24
N ALA B 153 -28.35 -10.89 7.43
CA ALA B 153 -28.02 -9.87 8.43
C ALA B 153 -26.51 -9.72 8.47
N LEU B 154 -26.01 -8.58 8.02
CA LEU B 154 -24.58 -8.32 8.05
C LEU B 154 -24.08 -8.38 9.48
N GLN B 155 -22.79 -8.65 9.60
CA GLN B 155 -22.20 -9.02 10.87
C GLN B 155 -20.97 -8.19 11.18
N SER B 156 -20.86 -7.75 12.43
CA SER B 156 -19.62 -7.20 12.94
C SER B 156 -19.46 -7.58 14.41
N GLY B 157 -18.20 -7.74 14.83
CA GLY B 157 -17.90 -8.09 16.18
C GLY B 157 -17.60 -9.56 16.41
N ASN B 158 -17.99 -10.42 15.47
CA ASN B 158 -17.81 -11.87 15.63
C ASN B 158 -16.89 -12.45 14.57
N SER B 159 -16.01 -11.64 13.99
CA SER B 159 -15.24 -12.06 12.83
C SER B 159 -13.83 -11.52 12.93
N GLN B 160 -12.89 -12.25 12.33
CA GLN B 160 -11.49 -11.82 12.31
C GLN B 160 -10.79 -12.32 11.05
N GLU B 161 -10.11 -11.43 10.36
CA GLU B 161 -9.47 -11.70 9.08
C GLU B 161 -7.94 -11.75 9.22
N SER B 162 -7.31 -12.45 8.28
CA SER B 162 -5.88 -12.65 8.29
C SER B 162 -5.40 -12.75 6.85
N VAL B 163 -4.23 -12.20 6.59
CA VAL B 163 -3.69 -12.07 5.24
C VAL B 163 -2.23 -12.52 5.24
N THR B 164 -1.80 -13.04 4.10
CA THR B 164 -0.46 -13.60 3.98
C THR B 164 0.47 -12.60 3.31
N GLU B 165 1.76 -12.89 3.40
CA GLU B 165 2.72 -12.16 2.59
C GLU B 165 2.64 -12.64 1.14
N GLN B 166 3.25 -11.87 0.24
CA GLN B 166 3.20 -12.21 -1.17
C GLN B 166 3.87 -13.55 -1.39
N ASP B 167 3.37 -14.27 -2.39
CA ASP B 167 3.96 -15.54 -2.74
C ASP B 167 5.25 -15.36 -3.50
N SER B 168 6.18 -16.27 -3.26
CA SER B 168 7.48 -16.29 -3.87
C SER B 168 7.48 -17.00 -5.22
N LYS B 169 6.29 -17.37 -5.72
CA LYS B 169 6.17 -17.94 -7.05
C LYS B 169 5.31 -17.07 -7.97
N ASP B 170 4.09 -16.74 -7.56
CA ASP B 170 3.16 -15.96 -8.36
C ASP B 170 2.86 -14.57 -7.82
N SER B 171 3.50 -14.14 -6.73
CA SER B 171 3.32 -12.81 -6.20
C SER B 171 1.85 -12.46 -5.97
N THR B 172 1.10 -13.38 -5.37
CA THR B 172 -0.32 -13.13 -5.12
C THR B 172 -0.58 -13.21 -3.63
N TYR B 173 -1.83 -12.98 -3.26
CA TYR B 173 -2.18 -12.96 -1.86
C TYR B 173 -3.26 -13.98 -1.51
N SER B 174 -3.39 -14.21 -0.22
CA SER B 174 -4.44 -15.07 0.25
C SER B 174 -4.99 -14.46 1.54
N LEU B 175 -6.24 -14.79 1.86
CA LEU B 175 -6.90 -14.23 3.02
C LEU B 175 -7.92 -15.18 3.62
N SER B 176 -7.82 -15.45 4.91
CA SER B 176 -8.89 -16.20 5.56
C SER B 176 -9.63 -15.26 6.48
N SER B 177 -10.93 -15.50 6.61
CA SER B 177 -11.77 -14.72 7.51
C SER B 177 -12.59 -15.71 8.29
N THR B 178 -12.64 -15.55 9.60
CA THR B 178 -13.28 -16.54 10.45
C THR B 178 -14.39 -15.89 11.26
N LEU B 179 -15.57 -16.50 11.18
CA LEU B 179 -16.75 -16.11 11.91
C LEU B 179 -16.95 -17.12 13.03
N THR B 180 -16.95 -16.63 14.27
CA THR B 180 -17.06 -17.50 15.44
C THR B 180 -18.37 -17.21 16.17
N LEU B 181 -19.29 -18.16 16.11
CA LEU B 181 -20.53 -18.19 16.85
C LEU B 181 -20.49 -19.26 17.94
N SER B 182 -21.53 -19.27 18.76
CA SER B 182 -21.77 -20.38 19.69
C SER B 182 -22.59 -21.43 19.00
N LYS B 183 -22.61 -22.64 19.58
CA LYS B 183 -23.49 -23.67 19.04
C LYS B 183 -24.95 -23.23 19.10
N ALA B 184 -25.27 -22.34 20.04
CA ALA B 184 -26.64 -21.85 20.14
C ALA B 184 -26.93 -20.85 19.03
N ASP B 185 -26.13 -19.78 18.98
CA ASP B 185 -26.40 -18.74 18.00
C ASP B 185 -26.29 -19.31 16.60
N TYR B 186 -25.34 -20.24 16.39
CA TYR B 186 -25.20 -20.87 15.09
C TYR B 186 -26.45 -21.66 14.73
N GLU B 187 -26.90 -22.55 15.63
CA GLU B 187 -28.04 -23.39 15.29
C GLU B 187 -29.35 -22.60 15.19
N LYS B 188 -29.37 -21.31 15.60
CA LYS B 188 -30.62 -20.54 15.44
C LYS B 188 -30.88 -20.17 13.98
N HIS B 189 -29.83 -19.92 13.20
CA HIS B 189 -29.96 -19.37 11.85
C HIS B 189 -29.83 -20.46 10.79
N LYS B 190 -30.13 -20.11 9.54
CA LYS B 190 -30.19 -21.07 8.45
C LYS B 190 -29.11 -20.86 7.40
N VAL B 191 -29.03 -19.68 6.79
CA VAL B 191 -28.12 -19.45 5.67
C VAL B 191 -26.90 -18.68 6.18
N TYR B 192 -25.70 -19.18 5.83
CA TYR B 192 -24.45 -18.50 6.15
C TYR B 192 -23.73 -18.18 4.85
N ALA B 193 -23.45 -16.89 4.61
CA ALA B 193 -22.87 -16.46 3.36
C ALA B 193 -21.66 -15.54 3.58
N CYS B 194 -20.89 -15.40 2.51
CA CYS B 194 -19.64 -14.68 2.50
C CYS B 194 -19.56 -13.91 1.18
N GLU B 195 -19.54 -12.56 1.26
CA GLU B 195 -19.56 -11.66 0.10
C GLU B 195 -18.18 -11.01 -0.06
N VAL B 196 -17.50 -11.36 -1.14
CA VAL B 196 -16.15 -10.92 -1.41
C VAL B 196 -16.22 -9.82 -2.47
N THR B 197 -15.59 -8.68 -2.16
CA THR B 197 -15.37 -7.59 -3.09
C THR B 197 -13.88 -7.50 -3.41
N HIS B 198 -13.57 -7.44 -4.70
CA HIS B 198 -12.21 -7.23 -5.19
C HIS B 198 -12.29 -6.44 -6.49
N GLN B 199 -11.17 -5.85 -6.88
CA GLN B 199 -11.18 -5.07 -8.12
C GLN B 199 -11.00 -5.92 -9.37
N GLY B 200 -10.76 -7.22 -9.22
CA GLY B 200 -10.66 -8.15 -10.31
C GLY B 200 -11.98 -8.81 -10.64
N LEU B 201 -13.02 -8.43 -9.89
CA LEU B 201 -14.38 -8.89 -10.07
C LEU B 201 -15.21 -7.68 -10.43
N SER B 202 -15.91 -7.72 -11.57
CA SER B 202 -16.84 -6.64 -11.87
C SER B 202 -18.06 -6.68 -10.97
N SER B 203 -18.33 -7.82 -10.35
CA SER B 203 -19.44 -8.01 -9.43
C SER B 203 -18.91 -8.63 -8.14
N PRO B 204 -19.41 -8.21 -6.98
CA PRO B 204 -19.12 -8.97 -5.77
C PRO B 204 -19.59 -10.41 -5.93
N VAL B 205 -18.86 -11.33 -5.31
CA VAL B 205 -19.20 -12.76 -5.36
C VAL B 205 -19.65 -13.20 -3.98
N THR B 206 -20.64 -14.07 -3.91
CA THR B 206 -21.18 -14.53 -2.63
C THR B 206 -21.27 -16.05 -2.60
N LYS B 207 -20.51 -16.64 -1.68
CA LYS B 207 -20.58 -18.08 -1.38
C LYS B 207 -21.44 -18.30 -0.14
N SER B 208 -22.49 -19.09 -0.27
CA SER B 208 -23.36 -19.42 0.86
C SER B 208 -23.36 -20.91 1.11
N PHE B 209 -24.01 -21.27 2.22
CA PHE B 209 -24.44 -22.64 2.42
C PHE B 209 -25.49 -22.63 3.52
N ASN B 210 -26.24 -23.72 3.60
CA ASN B 210 -27.25 -23.86 4.65
C ASN B 210 -26.72 -24.73 5.77
N ARG B 211 -27.14 -24.41 6.98
CA ARG B 211 -26.64 -25.13 8.14
C ARG B 211 -27.06 -26.58 8.06
N GLY B 212 -26.18 -27.47 8.51
CA GLY B 212 -26.45 -28.89 8.48
C GLY B 212 -26.24 -29.59 7.15
N GLU B 213 -25.86 -28.88 6.10
CA GLU B 213 -25.68 -29.54 4.80
C GLU B 213 -24.25 -29.38 4.31
N VAL C 2 4.46 33.49 -18.34
CA VAL C 2 4.04 32.33 -19.13
C VAL C 2 2.94 31.46 -18.57
N GLN C 3 1.87 31.29 -19.33
CA GLN C 3 0.79 30.42 -18.87
C GLN C 3 0.10 29.77 -20.05
N LEU C 4 -0.51 28.62 -19.76
CA LEU C 4 -1.26 27.83 -20.73
C LEU C 4 -2.59 27.45 -20.08
N VAL C 5 -3.68 27.96 -20.61
CA VAL C 5 -5.01 27.63 -20.09
C VAL C 5 -5.74 26.86 -21.18
N GLN C 6 -6.54 25.87 -20.79
CA GLN C 6 -7.27 25.09 -21.78
C GLN C 6 -8.78 25.10 -21.58
N SER C 7 -9.45 24.51 -22.57
CA SER C 7 -10.91 24.44 -22.65
C SER C 7 -11.28 23.46 -23.75
N GLY C 8 -12.56 23.20 -23.87
CA GLY C 8 -13.06 22.31 -24.89
C GLY C 8 -13.38 20.91 -24.44
N GLY C 9 -13.41 20.66 -23.13
CA GLY C 9 -13.57 19.29 -22.69
C GLY C 9 -14.92 18.92 -22.11
N GLY C 10 -15.48 17.88 -22.71
CA GLY C 10 -16.76 17.37 -22.29
C GLY C 10 -17.01 16.03 -22.94
N LEU C 11 -18.28 15.69 -23.05
CA LEU C 11 -18.74 14.44 -23.66
C LEU C 11 -18.64 14.46 -25.17
N VAL C 12 -18.36 13.29 -25.74
CA VAL C 12 -18.42 13.10 -27.19
C VAL C 12 -18.77 11.65 -27.46
N GLN C 13 -19.60 11.43 -28.47
CA GLN C 13 -20.06 10.12 -28.87
C GLN C 13 -18.97 9.38 -29.64
N PRO C 14 -19.01 8.04 -29.65
CA PRO C 14 -18.06 7.29 -30.47
C PRO C 14 -18.27 7.62 -31.94
N GLY C 15 -17.15 7.90 -32.62
CA GLY C 15 -17.18 8.36 -34.00
C GLY C 15 -17.50 9.83 -34.15
N GLY C 16 -17.52 10.58 -33.05
CA GLY C 16 -17.86 11.99 -33.07
C GLY C 16 -16.64 12.88 -33.24
N SER C 17 -16.90 14.19 -33.18
CA SER C 17 -15.84 15.19 -33.29
C SER C 17 -15.85 16.09 -32.07
N LEU C 18 -14.65 16.36 -31.55
CA LEU C 18 -14.46 17.21 -30.39
C LEU C 18 -13.25 18.09 -30.67
N ARG C 19 -13.21 19.27 -30.08
CA ARG C 19 -12.11 20.19 -30.36
C ARG C 19 -11.63 20.81 -29.06
N VAL C 20 -10.40 20.50 -28.71
CA VAL C 20 -9.80 20.94 -27.46
C VAL C 20 -8.85 22.08 -27.79
N SER C 21 -8.91 23.16 -27.01
CA SER C 21 -8.08 24.33 -27.27
C SER C 21 -7.22 24.67 -26.05
N CYS C 22 -6.13 25.37 -26.36
CA CYS C 22 -5.13 25.85 -25.42
C CYS C 22 -4.74 27.27 -25.81
N ALA C 23 -4.76 28.19 -24.85
CA ALA C 23 -4.36 29.57 -25.10
C ALA C 23 -3.08 29.84 -24.33
N ALA C 24 -2.11 30.44 -25.02
CA ALA C 24 -0.79 30.78 -24.49
C ALA C 24 -0.62 32.26 -24.20
N SER C 25 0.17 32.55 -23.15
CA SER C 25 0.42 33.92 -22.75
C SER C 25 1.85 34.01 -22.22
N GLY C 26 2.41 35.22 -22.28
CA GLY C 26 3.73 35.47 -21.74
C GLY C 26 4.91 35.13 -22.61
N PHE C 27 4.71 34.67 -23.84
CA PHE C 27 5.83 34.30 -24.70
C PHE C 27 5.39 34.41 -26.14
N SER C 28 6.36 34.34 -27.04
CA SER C 28 6.05 34.41 -28.47
C SER C 28 5.61 33.02 -28.91
N PHE C 29 4.30 32.90 -29.12
CA PHE C 29 3.68 31.62 -29.45
C PHE C 29 4.21 31.07 -30.77
N SER C 30 4.48 31.96 -31.72
CA SER C 30 4.97 31.53 -33.02
C SER C 30 6.38 30.96 -32.94
N ASP C 31 7.23 31.54 -32.08
CA ASP C 31 8.60 31.08 -31.95
C ASP C 31 8.77 29.68 -31.34
N HIS C 32 7.73 29.10 -30.74
CA HIS C 32 7.82 27.80 -30.07
C HIS C 32 7.05 26.65 -30.72
N ASP C 33 7.63 25.46 -30.59
CA ASP C 33 6.98 24.23 -31.03
C ASP C 33 6.05 23.85 -29.87
N MET C 34 4.78 23.54 -30.14
CA MET C 34 3.87 23.19 -29.06
C MET C 34 3.24 21.83 -29.26
N ASP C 35 3.34 20.98 -28.24
CA ASP C 35 2.86 19.60 -28.28
C ASP C 35 1.57 19.36 -27.52
N TRP C 36 0.98 18.22 -27.84
CA TRP C 36 -0.20 17.65 -27.20
C TRP C 36 0.19 16.29 -26.64
N VAL C 37 -0.13 16.09 -25.37
CA VAL C 37 0.19 14.87 -24.62
C VAL C 37 -1.09 14.41 -23.92
N ARG C 38 -1.30 13.11 -23.83
CA ARG C 38 -2.52 12.63 -23.19
C ARG C 38 -2.19 11.66 -22.07
N GLN C 39 -3.11 11.61 -21.11
CA GLN C 39 -3.04 10.72 -19.95
C GLN C 39 -4.39 10.04 -19.81
N ALA C 40 -4.43 8.76 -20.15
CA ALA C 40 -5.64 8.00 -19.96
C ALA C 40 -5.81 7.79 -18.46
N PRO C 41 -7.04 7.58 -17.99
CA PRO C 41 -7.26 7.53 -16.54
C PRO C 41 -6.54 6.33 -15.94
N GLY C 42 -5.82 6.59 -14.84
CA GLY C 42 -5.06 5.55 -14.20
C GLY C 42 -3.84 5.08 -14.93
N LYS C 43 -3.45 5.76 -16.01
CA LYS C 43 -2.34 5.34 -16.85
C LYS C 43 -1.32 6.47 -16.97
N GLY C 44 -0.26 6.20 -17.72
CA GLY C 44 0.82 7.15 -17.93
C GLY C 44 0.58 8.05 -19.14
N PHE C 45 1.63 8.77 -19.51
CA PHE C 45 1.55 9.71 -20.61
C PHE C 45 1.84 9.04 -21.95
N GLU C 46 1.21 9.59 -22.99
CA GLU C 46 1.34 9.17 -24.38
C GLU C 46 1.38 10.45 -25.21
N TRP C 47 2.50 10.72 -25.87
CA TRP C 47 2.58 11.90 -26.70
C TRP C 47 1.64 11.75 -27.89
N VAL C 48 0.95 12.84 -28.22
CA VAL C 48 -0.06 12.85 -29.27
C VAL C 48 0.43 13.56 -30.52
N GLY C 49 0.92 14.79 -30.38
CA GLY C 49 1.37 15.49 -31.59
C GLY C 49 1.98 16.84 -31.30
N ARG C 50 2.60 17.40 -32.36
CA ARG C 50 3.32 18.66 -32.34
C ARG C 50 2.90 19.63 -33.43
N SER C 51 2.77 20.90 -33.04
CA SER C 51 2.52 21.99 -33.95
C SER C 51 3.87 22.69 -34.07
N ARG C 52 4.38 22.79 -35.29
CA ARG C 52 5.67 23.41 -35.45
C ARG C 52 5.55 24.92 -35.48
N ASN C 53 6.70 25.58 -35.43
CA ASN C 53 6.69 27.02 -35.41
C ASN C 53 6.68 27.54 -36.85
N LYS C 54 6.71 28.87 -36.98
CA LYS C 54 6.64 29.56 -38.28
C LYS C 54 7.61 29.01 -39.33
N ASP C 55 8.81 28.61 -38.92
CA ASP C 55 9.86 28.26 -39.87
C ASP C 55 9.50 27.09 -40.76
N TYR C 56 8.67 26.19 -40.27
CA TYR C 56 8.35 24.97 -40.98
C TYR C 56 7.20 25.12 -41.96
N SER C 57 7.27 24.35 -43.04
CA SER C 57 6.23 24.33 -44.06
C SER C 57 5.31 23.13 -43.83
N SER C 58 5.87 22.02 -43.35
CA SER C 58 5.07 20.87 -42.91
C SER C 58 4.86 21.12 -41.42
N THR C 59 3.66 21.57 -41.05
CA THR C 59 3.44 22.15 -39.73
C THR C 59 3.03 21.17 -38.66
N THR C 60 2.87 19.89 -38.96
CA THR C 60 2.42 18.98 -37.93
C THR C 60 3.25 17.71 -37.89
N GLU C 61 3.32 17.17 -36.70
CA GLU C 61 3.97 15.91 -36.41
C GLU C 61 2.98 15.16 -35.52
N TYR C 62 2.72 13.91 -35.84
CA TYR C 62 1.74 13.12 -35.12
C TYR C 62 2.33 11.76 -34.77
N ALA C 63 1.54 10.99 -34.04
CA ALA C 63 1.95 9.67 -33.63
C ALA C 63 1.12 8.66 -34.39
N ALA C 64 1.76 7.53 -34.71
CA ALA C 64 1.13 6.53 -35.56
C ALA C 64 -0.19 6.03 -34.99
N SER C 65 -0.29 5.92 -33.66
CA SER C 65 -1.54 5.46 -33.07
C SER C 65 -2.70 6.39 -33.39
N VAL C 66 -2.51 7.70 -33.24
CA VAL C 66 -3.59 8.65 -33.50
C VAL C 66 -3.57 9.29 -34.89
N ARG C 67 -2.47 9.15 -35.65
CA ARG C 67 -2.32 9.83 -36.95
C ARG C 67 -3.52 9.69 -37.88
N GLY C 68 -4.38 8.69 -37.74
CA GLY C 68 -5.47 8.62 -38.70
C GLY C 68 -6.69 9.48 -38.40
N ARG C 69 -6.94 9.83 -37.15
CA ARG C 69 -8.16 10.55 -36.81
C ARG C 69 -7.99 11.90 -36.12
N PHE C 70 -6.77 12.38 -35.87
CA PHE C 70 -6.58 13.64 -35.16
C PHE C 70 -5.91 14.68 -36.04
N THR C 71 -6.29 15.94 -35.85
CA THR C 71 -5.75 17.08 -36.60
C THR C 71 -5.33 18.18 -35.63
N ILE C 72 -4.10 18.67 -35.73
CA ILE C 72 -3.63 19.72 -34.85
C ILE C 72 -3.45 21.00 -35.66
N SER C 73 -4.03 22.10 -35.18
CA SER C 73 -3.85 23.37 -35.87
C SER C 73 -3.66 24.48 -34.87
N ARG C 74 -3.27 25.63 -35.41
CA ARG C 74 -3.14 26.85 -34.63
C ARG C 74 -4.12 27.91 -35.14
N HIS C 75 -4.54 28.83 -34.27
CA HIS C 75 -5.37 29.94 -34.75
C HIS C 75 -4.58 30.79 -35.75
N THR C 76 -5.23 31.16 -36.85
CA THR C 76 -4.65 32.06 -37.84
C THR C 76 -3.98 33.30 -37.24
N SER C 77 -4.69 34.08 -36.43
CA SER C 77 -4.12 35.29 -35.82
C SER C 77 -3.94 35.26 -34.31
N GLU C 78 -4.82 34.60 -33.57
CA GLU C 78 -4.70 34.51 -32.12
C GLU C 78 -3.70 33.42 -31.71
N ASP C 79 -3.25 33.50 -30.46
CA ASP C 79 -2.30 32.54 -29.90
C ASP C 79 -3.03 31.33 -29.29
N LEU C 80 -3.81 30.64 -30.14
CA LEU C 80 -4.62 29.50 -29.74
C LEU C 80 -4.12 28.23 -30.43
N LEU C 81 -4.09 27.14 -29.67
CA LEU C 81 -3.67 25.84 -30.17
C LEU C 81 -4.87 24.91 -30.12
N TYR C 82 -5.10 24.17 -31.18
CA TYR C 82 -6.23 23.27 -31.27
C TYR C 82 -5.79 21.85 -31.57
N LEU C 83 -6.61 20.95 -31.04
CA LEU C 83 -6.54 19.52 -31.29
C LEU C 83 -7.96 19.13 -31.64
N GLU C 84 -8.18 18.72 -32.88
CA GLU C 84 -9.49 18.29 -33.36
C GLU C 84 -9.48 16.78 -33.45
N LEU C 85 -10.30 16.17 -32.63
CA LEU C 85 -10.43 14.72 -32.58
C LEU C 85 -11.63 14.41 -33.44
N ASN C 86 -11.41 13.66 -34.51
CA ASN C 86 -12.48 13.29 -35.42
C ASN C 86 -12.62 11.78 -35.34
N THR C 87 -13.85 11.28 -35.45
CA THR C 87 -14.13 9.84 -35.40
C THR C 87 -13.44 9.20 -34.18
N VAL C 88 -13.79 9.72 -33.00
CA VAL C 88 -13.16 9.29 -31.76
C VAL C 88 -13.54 7.85 -31.41
N LYS C 89 -12.63 7.20 -30.68
CA LYS C 89 -12.77 5.84 -30.18
C LYS C 89 -12.74 5.91 -28.66
N THR C 90 -13.28 4.87 -28.01
CA THR C 90 -13.32 4.89 -26.54
C THR C 90 -11.91 4.92 -25.94
N GLU C 91 -10.89 4.53 -26.70
CA GLU C 91 -9.52 4.57 -26.19
C GLU C 91 -8.94 5.99 -26.26
N ASP C 92 -9.76 6.95 -26.67
CA ASP C 92 -9.36 8.35 -26.78
C ASP C 92 -9.87 9.15 -25.59
N THR C 93 -10.42 8.45 -24.59
CA THR C 93 -10.92 9.08 -23.36
C THR C 93 -9.71 9.38 -22.50
N ALA C 94 -9.47 10.64 -22.21
CA ALA C 94 -8.24 10.96 -21.48
C ALA C 94 -8.23 12.42 -21.07
N VAL C 95 -7.12 12.82 -20.47
CA VAL C 95 -6.85 14.22 -20.21
C VAL C 95 -5.79 14.61 -21.23
N TYR C 96 -6.10 15.66 -21.98
CA TYR C 96 -5.24 16.13 -23.05
C TYR C 96 -4.62 17.42 -22.53
N PHE C 97 -3.30 17.48 -22.56
CA PHE C 97 -2.54 18.62 -22.08
C PHE C 97 -1.80 19.22 -23.25
N CYS C 98 -1.57 20.52 -23.17
CA CYS C 98 -0.74 21.22 -24.13
C CYS C 98 0.55 21.55 -23.40
N ALA C 99 1.66 21.31 -24.06
CA ALA C 99 2.95 21.57 -23.43
C ALA C 99 3.79 22.39 -24.39
N ARG C 100 4.66 23.23 -23.83
CA ARG C 100 5.50 24.08 -24.65
C ARG C 100 6.81 23.39 -24.93
N GLY C 101 7.15 23.31 -26.22
CA GLY C 101 8.36 22.65 -26.63
C GLY C 101 9.43 23.65 -27.03
N PRO C 102 10.48 23.12 -27.65
CA PRO C 102 11.67 23.93 -27.95
C PRO C 102 11.38 25.16 -28.79
N HIS C 103 12.29 26.13 -28.66
CA HIS C 103 12.28 27.40 -29.37
C HIS C 103 12.90 27.19 -30.75
N HIS C 104 12.61 28.08 -31.70
CA HIS C 104 13.13 27.85 -33.05
C HIS C 104 14.65 27.87 -33.10
N SER C 105 15.31 28.66 -32.25
CA SER C 105 16.78 28.64 -32.21
C SER C 105 17.32 27.33 -31.67
N ASP C 106 16.54 26.60 -30.88
CA ASP C 106 16.98 25.31 -30.32
C ASP C 106 17.07 24.25 -31.43
N ARG C 107 18.23 23.59 -31.50
CA ARG C 107 18.44 22.57 -32.53
C ARG C 107 17.77 21.26 -32.18
N SER C 108 17.55 20.99 -30.90
CA SER C 108 16.92 19.74 -30.48
C SER C 108 15.51 19.62 -31.06
N GLY C 109 14.79 20.72 -31.16
CA GLY C 109 13.40 20.72 -31.58
C GLY C 109 13.11 20.13 -32.94
N TYR C 110 14.08 20.09 -33.85
CA TYR C 110 13.82 19.46 -35.14
C TYR C 110 13.47 17.97 -35.01
N TYR C 111 14.16 17.24 -34.13
CA TYR C 111 13.88 15.82 -33.92
C TYR C 111 13.05 15.52 -32.68
N GLY C 112 12.65 16.53 -31.93
CA GLY C 112 11.91 16.30 -30.71
C GLY C 112 12.17 17.36 -29.67
N GLY C 113 12.67 16.97 -28.51
CA GLY C 113 12.95 17.91 -27.46
C GLY C 113 12.04 17.64 -26.28
N THR C 114 12.12 18.50 -25.28
CA THR C 114 11.32 18.32 -24.08
C THR C 114 10.46 19.56 -23.83
N PHE C 115 9.72 19.54 -22.72
CA PHE C 115 8.79 20.60 -22.37
C PHE C 115 9.20 21.29 -21.07
N ASP C 116 8.72 22.51 -20.89
CA ASP C 116 8.98 23.22 -19.65
C ASP C 116 7.71 23.73 -19.00
N ILE C 117 6.69 24.07 -19.79
CA ILE C 117 5.43 24.53 -19.22
C ILE C 117 4.30 23.65 -19.74
N TRP C 118 3.38 23.29 -18.85
CA TRP C 118 2.28 22.41 -19.16
C TRP C 118 0.96 23.11 -18.85
N GLY C 119 -0.11 22.62 -19.49
CA GLY C 119 -1.43 23.13 -19.22
C GLY C 119 -2.10 22.32 -18.14
N GLN C 120 -3.22 22.85 -17.65
CA GLN C 120 -3.97 22.18 -16.59
C GLN C 120 -4.51 20.83 -17.05
N GLY C 121 -4.83 20.69 -18.33
CA GLY C 121 -5.40 19.42 -18.73
C GLY C 121 -6.88 19.61 -19.01
N THR C 122 -7.37 18.91 -20.03
CA THR C 122 -8.78 18.89 -20.39
C THR C 122 -9.26 17.46 -20.48
N MET C 123 -10.38 17.17 -19.82
CA MET C 123 -10.97 15.85 -19.92
C MET C 123 -11.89 15.68 -21.12
N VAL C 124 -11.68 14.58 -21.83
CA VAL C 124 -12.42 14.24 -23.02
C VAL C 124 -12.98 12.86 -22.69
N THR C 125 -14.30 12.80 -22.49
CA THR C 125 -15.03 11.59 -22.13
C THR C 125 -15.77 11.12 -23.37
N VAL C 126 -15.64 9.83 -23.69
CA VAL C 126 -16.26 9.25 -24.89
C VAL C 126 -17.38 8.29 -24.45
N SER C 127 -18.63 8.68 -24.67
CA SER C 127 -19.79 7.89 -24.26
C SER C 127 -20.99 8.21 -25.14
N SER C 128 -21.99 7.34 -25.07
CA SER C 128 -23.25 7.54 -25.76
C SER C 128 -24.35 7.96 -24.78
N ALA C 129 -24.01 8.23 -23.53
CA ALA C 129 -24.89 8.91 -22.61
C ALA C 129 -24.78 10.43 -22.79
N SER C 130 -25.72 11.17 -22.17
CA SER C 130 -25.80 12.61 -22.36
C SER C 130 -25.13 13.37 -21.20
N THR C 131 -25.22 14.69 -21.27
CA THR C 131 -24.62 15.60 -20.29
C THR C 131 -25.68 15.99 -19.29
N LYS C 132 -25.34 15.88 -18.01
CA LYS C 132 -26.24 16.22 -16.92
C LYS C 132 -25.51 17.16 -15.96
N GLY C 133 -26.16 18.26 -15.59
CA GLY C 133 -25.53 19.20 -14.70
C GLY C 133 -25.69 18.67 -13.29
N PRO C 134 -24.85 19.14 -12.38
CA PRO C 134 -24.93 18.67 -11.00
C PRO C 134 -26.02 19.39 -10.22
N SER C 135 -26.17 18.96 -8.98
CA SER C 135 -27.09 19.54 -8.02
C SER C 135 -26.26 19.71 -6.75
N VAL C 136 -26.23 20.91 -6.19
CA VAL C 136 -25.36 21.19 -5.04
C VAL C 136 -26.18 21.36 -3.77
N PHE C 137 -25.89 20.49 -2.77
CA PHE C 137 -26.52 20.48 -1.47
C PHE C 137 -25.52 20.78 -0.36
N PRO C 138 -25.90 21.53 0.67
CA PRO C 138 -24.98 21.78 1.77
C PRO C 138 -24.83 20.57 2.71
N LEU C 139 -23.72 20.58 3.43
CA LEU C 139 -23.36 19.70 4.57
C LEU C 139 -23.07 20.70 5.70
N ALA C 140 -24.10 21.03 6.52
CA ALA C 140 -23.98 22.07 7.53
C ALA C 140 -23.31 21.72 8.88
N PRO C 141 -22.68 22.74 9.46
CA PRO C 141 -21.98 22.62 10.76
C PRO C 141 -22.91 22.23 11.90
N SER C 142 -22.48 21.28 12.74
CA SER C 142 -23.40 20.84 13.78
C SER C 142 -22.62 20.28 14.98
N SER C 143 -23.38 19.85 15.98
CA SER C 143 -22.82 19.19 17.15
C SER C 143 -22.17 17.90 16.69
N LYS C 144 -22.83 17.27 15.72
CA LYS C 144 -22.38 16.11 15.00
C LYS C 144 -21.13 16.41 14.17
N SER C 145 -20.98 17.67 13.73
CA SER C 145 -19.82 18.07 12.94
C SER C 145 -18.85 18.97 13.70
N THR C 146 -18.85 18.95 15.03
CA THR C 146 -17.87 19.73 15.75
C THR C 146 -16.90 18.79 16.46
N SER C 147 -15.60 19.07 16.31
CA SER C 147 -14.54 18.28 16.91
C SER C 147 -13.70 19.28 17.68
N GLY C 148 -14.30 19.82 18.73
CA GLY C 148 -13.66 20.83 19.53
C GLY C 148 -13.51 22.17 18.85
N GLY C 149 -12.25 22.60 18.72
CA GLY C 149 -11.94 23.89 18.13
C GLY C 149 -12.35 24.04 16.69
N THR C 150 -12.28 22.96 15.92
CA THR C 150 -12.64 22.98 14.51
C THR C 150 -14.03 22.41 14.24
N ALA C 151 -14.66 22.97 13.21
CA ALA C 151 -16.00 22.61 12.77
C ALA C 151 -15.89 22.18 11.32
N ALA C 152 -16.80 21.34 10.86
CA ALA C 152 -16.72 20.82 9.51
C ALA C 152 -17.97 21.16 8.73
N LEU C 153 -17.79 21.45 7.44
CA LEU C 153 -18.92 21.74 6.57
C LEU C 153 -18.48 21.58 5.14
N GLY C 154 -19.45 21.34 4.26
CA GLY C 154 -19.07 21.07 2.88
C GLY C 154 -20.23 21.10 1.92
N CYS C 155 -19.96 20.59 0.73
CA CYS C 155 -20.88 20.64 -0.40
C CYS C 155 -20.95 19.26 -1.05
N LEU C 156 -22.16 18.69 -1.13
CA LEU C 156 -22.35 17.40 -1.79
C LEU C 156 -22.85 17.71 -3.20
N VAL C 157 -21.94 17.62 -4.17
CA VAL C 157 -22.22 17.76 -5.59
C VAL C 157 -22.68 16.41 -6.14
N LYS C 158 -23.93 16.31 -6.59
CA LYS C 158 -24.52 15.03 -6.96
C LYS C 158 -25.10 14.97 -8.38
N ASP C 159 -25.17 13.73 -8.89
CA ASP C 159 -25.83 13.31 -10.13
C ASP C 159 -25.39 14.09 -11.38
N TYR C 160 -24.10 13.99 -11.73
CA TYR C 160 -23.57 14.72 -12.89
C TYR C 160 -22.75 13.83 -13.83
N PHE C 161 -22.81 14.19 -15.12
CA PHE C 161 -22.07 13.48 -16.18
C PHE C 161 -21.79 14.45 -17.32
N PRO C 162 -20.55 14.47 -17.88
CA PRO C 162 -19.39 13.66 -17.51
C PRO C 162 -18.51 14.41 -16.52
N GLU C 163 -17.33 13.88 -16.26
CA GLU C 163 -16.42 14.55 -15.38
C GLU C 163 -15.69 15.67 -16.13
N PRO C 164 -15.16 16.68 -15.42
CA PRO C 164 -15.08 16.87 -13.97
C PRO C 164 -15.80 18.11 -13.42
N VAL C 165 -15.88 18.13 -12.09
CA VAL C 165 -16.30 19.30 -11.33
C VAL C 165 -15.06 19.91 -10.69
N THR C 166 -14.99 21.24 -10.68
CA THR C 166 -14.00 21.97 -9.91
C THR C 166 -14.67 22.72 -8.76
N VAL C 167 -14.21 22.46 -7.54
CA VAL C 167 -14.76 23.05 -6.33
C VAL C 167 -13.72 23.93 -5.66
N SER C 168 -14.00 25.22 -5.56
CA SER C 168 -13.22 26.12 -4.72
C SER C 168 -14.10 26.61 -3.58
N TRP C 169 -13.47 27.26 -2.58
CA TRP C 169 -14.18 27.74 -1.40
C TRP C 169 -13.93 29.22 -1.21
N ASN C 170 -15.00 30.02 -1.26
CA ASN C 170 -14.92 31.47 -1.10
C ASN C 170 -13.98 32.10 -2.14
N SER C 171 -14.16 31.68 -3.39
CA SER C 171 -13.41 32.18 -4.55
C SER C 171 -11.93 31.82 -4.44
N GLY C 172 -11.66 30.62 -3.93
CA GLY C 172 -10.29 30.20 -3.75
C GLY C 172 -9.52 30.97 -2.70
N ALA C 173 -10.21 31.81 -1.91
CA ALA C 173 -9.52 32.52 -0.84
C ALA C 173 -9.32 31.63 0.39
N LEU C 174 -10.10 30.58 0.53
CA LEU C 174 -10.05 29.68 1.68
C LEU C 174 -9.56 28.32 1.21
N THR C 175 -8.26 28.06 1.39
CA THR C 175 -7.71 26.74 1.07
C THR C 175 -7.09 26.03 2.25
N SER C 176 -6.80 26.74 3.33
CA SER C 176 -6.25 26.08 4.51
C SER C 176 -7.35 25.22 5.10
N GLY C 177 -7.23 23.91 4.94
CA GLY C 177 -8.20 23.01 5.50
C GLY C 177 -9.20 22.42 4.53
N VAL C 178 -9.04 22.66 3.24
CA VAL C 178 -10.01 22.20 2.25
C VAL C 178 -9.60 20.85 1.69
N HIS C 179 -10.56 19.92 1.61
CA HIS C 179 -10.37 18.61 1.01
C HIS C 179 -11.46 18.38 -0.01
N THR C 180 -11.07 18.08 -1.24
CA THR C 180 -11.99 17.76 -2.31
C THR C 180 -11.74 16.29 -2.58
N PHE C 181 -12.80 15.52 -2.71
CA PHE C 181 -12.62 14.09 -2.89
C PHE C 181 -12.74 13.69 -4.34
N PRO C 182 -12.38 12.45 -4.65
CA PRO C 182 -12.53 11.95 -6.01
C PRO C 182 -13.97 11.58 -6.23
N ALA C 183 -14.40 11.69 -7.47
CA ALA C 183 -15.78 11.37 -7.76
C ALA C 183 -16.01 9.86 -7.73
N VAL C 184 -17.24 9.48 -7.43
CA VAL C 184 -17.67 8.09 -7.39
C VAL C 184 -18.89 7.99 -8.28
N LEU C 185 -18.94 6.93 -9.09
CA LEU C 185 -20.03 6.74 -10.04
C LEU C 185 -21.02 5.77 -9.42
N GLN C 186 -22.29 6.19 -9.38
CA GLN C 186 -23.35 5.42 -8.74
C GLN C 186 -24.05 4.48 -9.70
N SER C 187 -24.95 3.68 -9.13
CA SER C 187 -25.75 2.72 -9.89
C SER C 187 -26.42 3.37 -11.10
N SER C 188 -26.81 4.64 -10.99
CA SER C 188 -27.52 5.31 -12.08
C SER C 188 -26.62 5.59 -13.27
N GLY C 189 -25.31 5.73 -13.03
CA GLY C 189 -24.40 6.07 -14.10
C GLY C 189 -23.96 7.52 -14.05
N LEU C 190 -24.14 8.20 -12.92
CA LEU C 190 -23.79 9.60 -12.73
C LEU C 190 -22.87 9.69 -11.52
N TYR C 191 -22.09 10.76 -11.45
CA TYR C 191 -21.09 10.92 -10.40
C TYR C 191 -21.58 11.77 -9.22
N SER C 192 -20.85 11.64 -8.11
CA SER C 192 -21.05 12.43 -6.90
C SER C 192 -19.71 12.63 -6.24
N LEU C 193 -19.48 13.84 -5.73
CA LEU C 193 -18.28 14.15 -4.99
C LEU C 193 -18.66 15.13 -3.90
N SER C 194 -17.92 15.10 -2.83
CA SER C 194 -18.15 15.99 -1.71
C SER C 194 -16.88 16.78 -1.49
N SER C 195 -17.05 18.05 -1.17
CA SER C 195 -15.92 18.90 -0.84
C SER C 195 -16.15 19.34 0.58
N VAL C 196 -15.14 19.17 1.43
CA VAL C 196 -15.31 19.52 2.83
C VAL C 196 -14.23 20.49 3.23
N VAL C 197 -14.54 21.23 4.29
CA VAL C 197 -13.61 22.20 4.83
C VAL C 197 -13.81 22.19 6.33
N THR C 198 -12.70 22.40 7.04
CA THR C 198 -12.66 22.45 8.50
C THR C 198 -12.21 23.86 8.85
N VAL C 199 -13.06 24.56 9.58
CA VAL C 199 -12.78 25.95 9.92
C VAL C 199 -12.78 26.15 11.43
N PRO C 200 -12.36 27.32 11.94
CA PRO C 200 -12.44 27.53 13.38
C PRO C 200 -13.91 27.62 13.78
N SER C 201 -14.24 27.04 14.93
CA SER C 201 -15.63 27.09 15.40
C SER C 201 -16.06 28.52 15.71
N SER C 202 -15.11 29.40 16.02
CA SER C 202 -15.40 30.80 16.28
C SER C 202 -15.85 31.56 15.02
N SER C 203 -15.62 31.04 13.83
CA SER C 203 -15.97 31.74 12.60
C SER C 203 -17.40 31.54 12.12
N LEU C 204 -18.14 30.60 12.73
CA LEU C 204 -19.49 30.27 12.27
C LEU C 204 -20.49 31.42 12.37
N GLY C 205 -20.41 32.22 13.44
CA GLY C 205 -21.27 33.39 13.53
C GLY C 205 -20.94 34.50 12.54
N THR C 206 -19.65 34.79 12.34
CA THR C 206 -19.23 35.92 11.51
C THR C 206 -18.87 35.58 10.06
N GLN C 207 -18.02 34.56 9.84
CA GLN C 207 -17.52 34.30 8.49
C GLN C 207 -18.54 33.56 7.64
N THR C 208 -18.72 34.03 6.40
CA THR C 208 -19.63 33.42 5.44
C THR C 208 -18.86 32.37 4.64
N TYR C 209 -19.49 31.23 4.38
CA TYR C 209 -18.84 30.18 3.59
C TYR C 209 -19.68 29.81 2.39
N ILE C 210 -19.09 29.95 1.20
CA ILE C 210 -19.75 29.60 -0.05
C ILE C 210 -18.84 28.67 -0.82
N CYS C 211 -19.33 27.48 -1.12
CA CYS C 211 -18.62 26.58 -2.01
C CYS C 211 -18.98 26.91 -3.45
N ASN C 212 -17.96 27.06 -4.31
CA ASN C 212 -18.10 27.51 -5.69
C ASN C 212 -17.86 26.31 -6.60
N VAL C 213 -18.91 25.85 -7.25
CA VAL C 213 -18.90 24.56 -7.94
C VAL C 213 -19.09 24.83 -9.43
N ASN C 214 -18.16 24.30 -10.24
CA ASN C 214 -18.15 24.53 -11.68
C ASN C 214 -18.17 23.19 -12.40
N HIS C 215 -19.07 23.06 -13.37
CA HIS C 215 -19.20 21.88 -14.23
C HIS C 215 -19.21 22.42 -15.66
N LYS C 216 -18.00 22.61 -16.20
CA LYS C 216 -17.84 23.17 -17.54
C LYS C 216 -18.46 22.33 -18.67
N PRO C 217 -18.48 20.99 -18.62
CA PRO C 217 -19.15 20.24 -19.70
C PRO C 217 -20.58 20.67 -19.90
N SER C 218 -21.34 20.87 -18.82
CA SER C 218 -22.71 21.34 -18.94
C SER C 218 -22.82 22.85 -18.73
N ASN C 219 -21.71 23.51 -18.42
CA ASN C 219 -21.66 24.95 -18.18
C ASN C 219 -22.59 25.35 -17.04
N THR C 220 -22.37 24.74 -15.89
CA THR C 220 -23.16 24.99 -14.70
C THR C 220 -22.24 25.55 -13.61
N LYS C 221 -22.63 26.67 -13.02
CA LYS C 221 -21.95 27.27 -11.88
C LYS C 221 -22.95 27.47 -10.76
N VAL C 222 -22.60 26.97 -9.58
CA VAL C 222 -23.45 27.10 -8.41
C VAL C 222 -22.58 27.52 -7.23
N ASP C 223 -22.72 28.79 -6.83
CA ASP C 223 -21.98 29.34 -5.71
C ASP C 223 -22.93 29.26 -4.53
N LYS C 224 -22.80 28.20 -3.74
CA LYS C 224 -23.79 27.78 -2.74
C LYS C 224 -23.34 28.23 -1.36
N LYS C 225 -24.27 28.81 -0.61
CA LYS C 225 -23.97 29.19 0.76
C LYS C 225 -24.21 27.99 1.66
N VAL C 226 -23.17 27.62 2.40
CA VAL C 226 -23.24 26.61 3.41
C VAL C 226 -23.46 27.34 4.73
N GLU C 227 -24.56 27.01 5.42
CA GLU C 227 -25.03 27.75 6.56
C GLU C 227 -25.18 26.85 7.78
N PRO C 228 -24.81 27.33 8.96
CA PRO C 228 -24.97 26.53 10.18
C PRO C 228 -26.43 26.30 10.51
N LYS C 229 -26.72 25.19 11.19
CA LYS C 229 -28.08 24.86 11.55
C LYS C 229 -28.61 25.76 12.66
N SER C 230 -29.95 25.74 12.83
CA SER C 230 -30.62 26.56 13.83
C SER C 230 -30.86 25.79 15.13
N CYS C 231 -31.23 24.52 15.04
CA CYS C 231 -31.56 23.70 16.22
C CYS C 231 -30.34 22.98 16.76
N ASP D 1 8.30 3.08 -30.39
CA ASP D 1 9.61 3.56 -30.83
C ASP D 1 10.68 3.23 -29.83
N ILE D 2 11.21 4.28 -29.20
CA ILE D 2 12.09 4.09 -28.07
C ILE D 2 11.18 3.85 -26.86
N GLN D 3 11.48 2.84 -26.09
CA GLN D 3 10.64 2.58 -24.94
C GLN D 3 11.45 2.75 -23.69
N MET D 4 10.79 3.31 -22.68
CA MET D 4 11.43 3.66 -21.43
C MET D 4 10.79 2.81 -20.35
N THR D 5 11.66 2.18 -19.61
CA THR D 5 11.24 1.35 -18.56
C THR D 5 11.84 2.07 -17.41
N GLN D 6 10.99 2.44 -16.49
CA GLN D 6 11.34 3.17 -15.35
C GLN D 6 11.06 2.29 -14.13
N SER D 7 11.88 2.45 -13.09
CA SER D 7 11.81 1.71 -11.84
C SER D 7 11.95 2.66 -10.69
N PRO D 8 11.40 2.34 -9.57
CA PRO D 8 10.30 1.50 -9.16
C PRO D 8 8.97 2.08 -9.53
N SER D 9 7.98 1.24 -9.49
CA SER D 9 6.61 1.58 -9.71
C SER D 9 6.09 2.43 -8.56
N SER D 10 6.49 2.09 -7.36
CA SER D 10 6.06 2.83 -6.23
C SER D 10 7.11 2.85 -5.14
N VAL D 11 7.19 3.91 -4.36
CA VAL D 11 8.14 3.94 -3.28
C VAL D 11 7.59 4.71 -2.10
N SER D 12 7.83 4.24 -0.88
CA SER D 12 7.43 4.98 0.30
C SER D 12 8.64 5.35 1.12
N ALA D 13 8.66 6.57 1.65
CA ALA D 13 9.77 7.03 2.46
C ALA D 13 9.40 8.10 3.44
N SER D 14 10.25 8.34 4.40
CA SER D 14 10.04 9.33 5.42
C SER D 14 10.66 10.65 5.10
N VAL D 15 10.19 11.70 5.74
CA VAL D 15 10.75 13.04 5.58
C VAL D 15 12.25 13.00 5.84
N GLY D 16 13.04 13.46 4.90
CA GLY D 16 14.46 13.51 5.06
C GLY D 16 15.30 12.53 4.33
N ASP D 17 14.70 11.41 3.99
CA ASP D 17 15.28 10.28 3.33
C ASP D 17 15.63 10.51 1.92
N ARG D 18 16.50 9.69 1.35
CA ARG D 18 16.94 9.82 -0.02
C ARG D 18 16.25 8.84 -0.91
N VAL D 19 15.72 9.35 -2.01
CA VAL D 19 15.00 8.56 -2.97
C VAL D 19 15.61 8.54 -4.34
N ILE D 20 15.79 7.39 -4.93
CA ILE D 20 16.40 7.29 -6.25
C ILE D 20 15.44 6.60 -7.21
N ILE D 21 15.26 7.20 -8.39
CA ILE D 21 14.38 6.69 -9.44
C ILE D 21 15.24 6.42 -10.66
N THR D 22 14.95 5.32 -11.36
CA THR D 22 15.77 4.91 -12.49
C THR D 22 14.92 4.87 -13.75
N CYS D 23 15.55 5.14 -14.89
CA CYS D 23 14.88 5.08 -16.17
C CYS D 23 15.85 4.41 -17.14
N ARG D 24 15.32 3.65 -18.10
CA ARG D 24 16.16 2.91 -19.03
C ARG D 24 15.56 3.05 -20.42
N ALA D 25 16.42 3.30 -21.41
CA ALA D 25 15.99 3.58 -22.78
C ALA D 25 16.32 2.39 -23.68
N SER D 26 15.44 2.19 -24.68
CA SER D 26 15.60 1.12 -25.66
C SER D 26 16.91 1.23 -26.42
N GLN D 27 17.32 2.46 -26.75
CA GLN D 27 18.53 2.75 -27.48
C GLN D 27 19.12 4.04 -26.93
N GLY D 28 20.33 4.37 -27.34
CA GLY D 28 20.99 5.53 -26.81
C GLY D 28 20.30 6.81 -27.25
N ILE D 29 19.87 7.61 -26.29
CA ILE D 29 19.19 8.88 -26.51
C ILE D 29 20.09 10.03 -26.08
N SER D 30 21.36 9.76 -25.88
CA SER D 30 22.38 10.72 -25.44
C SER D 30 21.92 11.35 -24.13
N SER D 31 21.69 12.66 -24.07
CA SER D 31 21.27 13.33 -22.83
C SER D 31 19.91 13.99 -22.99
N TRP D 32 19.20 13.68 -24.07
CA TRP D 32 17.91 14.30 -24.37
C TRP D 32 16.83 13.60 -23.53
N LEU D 33 16.85 13.93 -22.24
CA LEU D 33 15.97 13.32 -21.25
C LEU D 33 15.46 14.40 -20.31
N ALA D 34 14.19 14.29 -19.94
CA ALA D 34 13.61 15.24 -19.01
C ALA D 34 12.88 14.48 -17.90
N TRP D 35 12.75 15.14 -16.75
CA TRP D 35 12.07 14.62 -15.57
C TRP D 35 11.00 15.60 -15.15
N TYR D 36 9.75 15.11 -15.07
CA TYR D 36 8.57 15.89 -14.67
C TYR D 36 7.97 15.31 -13.40
N GLN D 37 7.30 16.19 -12.65
CA GLN D 37 6.65 15.87 -11.39
C GLN D 37 5.18 16.26 -11.50
N GLN D 38 4.29 15.26 -11.39
CA GLN D 38 2.85 15.44 -11.44
C GLN D 38 2.22 15.23 -10.07
N LYS D 39 1.91 16.35 -9.42
CA LYS D 39 1.14 16.30 -8.21
C LYS D 39 -0.31 16.11 -8.63
N PRO D 40 -1.13 15.46 -7.82
CA PRO D 40 -2.48 15.11 -8.28
C PRO D 40 -3.30 16.35 -8.62
N GLY D 41 -4.05 16.25 -9.70
CA GLY D 41 -4.84 17.41 -10.13
C GLY D 41 -4.06 18.49 -10.86
N ARG D 42 -2.90 18.89 -10.32
CA ARG D 42 -2.07 19.92 -10.89
C ARG D 42 -1.40 19.50 -12.20
N ALA D 43 -1.04 20.51 -12.99
CA ALA D 43 -0.34 20.30 -14.24
C ALA D 43 1.10 19.86 -13.98
N PRO D 44 1.62 18.93 -14.79
CA PRO D 44 2.99 18.44 -14.56
C PRO D 44 4.00 19.58 -14.64
N ARG D 45 4.98 19.55 -13.74
CA ARG D 45 6.00 20.58 -13.71
C ARG D 45 7.35 20.03 -14.19
N LEU D 46 8.18 20.89 -14.81
CA LEU D 46 9.51 20.45 -15.22
C LEU D 46 10.52 20.56 -14.09
N LEU D 47 11.27 19.48 -13.88
CA LEU D 47 12.28 19.36 -12.82
C LEU D 47 13.69 19.30 -13.39
N ILE D 48 13.97 18.31 -14.24
CA ILE D 48 15.31 18.16 -14.82
C ILE D 48 15.21 18.12 -16.33
N TYR D 49 16.09 18.86 -17.00
CA TYR D 49 16.14 18.84 -18.45
C TYR D 49 17.58 18.59 -18.90
N ASP D 50 17.70 18.03 -20.10
CA ASP D 50 18.98 17.70 -20.71
C ASP D 50 19.80 16.79 -19.79
N ALA D 51 19.11 15.80 -19.23
CA ALA D 51 19.63 14.77 -18.34
C ALA D 51 20.04 15.22 -16.94
N SER D 52 20.95 16.19 -16.84
CA SER D 52 21.43 16.64 -15.53
C SER D 52 21.21 18.12 -15.20
N THR D 53 20.43 18.88 -15.96
CA THR D 53 20.30 20.31 -15.69
C THR D 53 19.01 20.60 -14.95
N LEU D 54 19.12 21.30 -13.83
CA LEU D 54 17.97 21.63 -13.01
C LEU D 54 17.29 22.88 -13.57
N GLU D 55 15.95 22.87 -13.55
CA GLU D 55 15.21 24.02 -14.07
C GLU D 55 15.19 25.11 -13.01
N SER D 56 15.15 26.35 -13.49
CA SER D 56 15.16 27.49 -12.59
C SER D 56 13.95 27.43 -11.66
N GLY D 57 14.18 27.58 -10.35
CA GLY D 57 13.10 27.57 -9.38
C GLY D 57 12.80 26.23 -8.74
N VAL D 58 13.46 25.15 -9.16
CA VAL D 58 13.27 23.85 -8.55
C VAL D 58 14.27 23.68 -7.41
N PRO D 59 13.81 23.18 -6.25
CA PRO D 59 14.70 22.95 -5.11
C PRO D 59 15.99 22.24 -5.51
N SER D 60 17.10 22.73 -4.93
CA SER D 60 18.41 22.10 -5.12
C SER D 60 18.44 20.64 -4.68
N ARG D 61 17.45 20.18 -3.90
CA ARG D 61 17.39 18.81 -3.42
C ARG D 61 16.94 17.83 -4.50
N PHE D 62 16.98 18.23 -5.76
CA PHE D 62 16.66 17.39 -6.89
C PHE D 62 17.86 17.32 -7.82
N SER D 63 18.14 16.13 -8.36
CA SER D 63 19.29 16.09 -9.26
C SER D 63 19.12 14.92 -10.22
N GLY D 64 19.47 15.16 -11.48
CA GLY D 64 19.41 14.14 -12.50
C GLY D 64 20.84 13.78 -12.84
N ARG D 65 21.04 12.53 -13.20
CA ARG D 65 22.35 12.04 -13.60
C ARG D 65 22.16 11.05 -14.73
N GLY D 66 23.17 10.95 -15.58
CA GLY D 66 23.13 9.96 -16.62
C GLY D 66 23.14 10.46 -18.03
N SER D 67 23.44 9.54 -18.94
CA SER D 67 23.53 9.78 -20.37
C SER D 67 23.63 8.42 -21.04
N GLY D 68 23.22 8.37 -22.28
CA GLY D 68 23.20 7.11 -23.02
C GLY D 68 21.86 6.39 -22.86
N THR D 69 21.87 5.27 -22.14
CA THR D 69 20.67 4.47 -21.94
C THR D 69 20.21 4.37 -20.49
N GLU D 70 20.91 4.97 -19.53
CA GLU D 70 20.61 4.78 -18.12
C GLU D 70 20.58 6.12 -17.40
N PHE D 71 19.42 6.45 -16.82
CA PHE D 71 19.27 7.73 -16.16
C PHE D 71 18.71 7.54 -14.77
N THR D 72 19.01 8.48 -13.89
CA THR D 72 18.48 8.44 -12.54
C THR D 72 18.13 9.84 -12.09
N LEU D 73 17.17 9.92 -11.18
CA LEU D 73 16.80 11.17 -10.54
C LEU D 73 16.76 10.92 -9.05
N THR D 74 17.36 11.83 -8.28
CA THR D 74 17.46 11.65 -6.84
C THR D 74 16.75 12.80 -6.16
N ILE D 75 16.38 12.52 -4.90
CA ILE D 75 15.76 13.47 -3.98
C ILE D 75 16.43 13.25 -2.63
N ASN D 76 17.27 14.22 -2.22
CA ASN D 76 18.18 14.01 -1.11
C ASN D 76 17.53 14.25 0.24
N SER D 77 16.52 15.11 0.29
CA SER D 77 15.86 15.40 1.56
C SER D 77 14.36 15.38 1.29
N LEU D 78 13.76 14.19 1.38
CA LEU D 78 12.39 14.02 0.93
C LEU D 78 11.44 14.81 1.82
N GLN D 79 10.48 15.49 1.21
CA GLN D 79 9.58 16.36 1.93
C GLN D 79 8.13 16.03 1.63
N PRO D 80 7.20 16.43 2.51
CA PRO D 80 5.79 16.07 2.29
C PRO D 80 5.21 16.68 1.02
N GLU D 81 5.83 17.76 0.54
CA GLU D 81 5.46 18.46 -0.68
C GLU D 81 6.10 17.84 -1.91
N ASP D 82 6.76 16.70 -1.72
CA ASP D 82 7.33 15.91 -2.80
C ASP D 82 6.40 14.78 -3.23
N PHE D 83 5.23 14.67 -2.61
CA PHE D 83 4.29 13.62 -2.97
C PHE D 83 3.79 13.87 -4.38
N ALA D 84 4.04 12.92 -5.26
CA ALA D 84 3.69 13.07 -6.66
C ALA D 84 4.00 11.81 -7.44
N THR D 85 3.94 11.92 -8.76
CA THR D 85 4.35 10.85 -9.65
C THR D 85 5.34 11.46 -10.64
N TYR D 86 6.47 10.80 -10.81
CA TYR D 86 7.58 11.32 -11.56
C TYR D 86 7.76 10.51 -12.83
N TYR D 87 7.97 11.24 -13.92
CA TYR D 87 8.09 10.64 -15.24
C TYR D 87 9.35 11.13 -15.94
N CYS D 88 9.96 10.22 -16.71
CA CYS D 88 11.09 10.53 -17.56
C CYS D 88 10.53 10.60 -18.97
N GLN D 89 11.13 11.46 -19.79
CA GLN D 89 10.72 11.57 -21.17
C GLN D 89 11.95 11.67 -22.04
N GLN D 90 11.87 11.04 -23.21
CA GLN D 90 12.93 11.07 -24.20
C GLN D 90 12.57 12.11 -25.27
N GLY D 91 13.58 12.86 -25.72
CA GLY D 91 13.43 13.85 -26.76
C GLY D 91 14.26 13.58 -28.00
N ASN D 92 14.96 12.45 -28.00
CA ASN D 92 15.86 12.06 -29.08
C ASN D 92 15.16 11.78 -30.41
N MET D 93 14.07 11.04 -30.39
CA MET D 93 13.38 10.62 -31.60
C MET D 93 11.87 10.74 -31.47
N PHE D 94 11.23 10.80 -32.61
CA PHE D 94 9.78 10.85 -32.60
C PHE D 94 9.25 9.44 -32.80
N PRO D 95 8.24 8.95 -32.08
CA PRO D 95 7.29 9.51 -31.11
C PRO D 95 7.92 9.90 -29.80
N LEU D 96 7.44 10.94 -29.15
CA LEU D 96 8.02 11.26 -27.86
C LEU D 96 7.53 10.21 -26.89
N THR D 97 8.36 9.85 -25.93
CA THR D 97 8.04 8.69 -25.10
C THR D 97 8.37 8.97 -23.65
N PHE D 98 7.54 8.42 -22.78
CA PHE D 98 7.57 8.63 -21.34
C PHE D 98 7.74 7.29 -20.63
N GLY D 99 8.23 7.37 -19.40
CA GLY D 99 8.27 6.19 -18.57
C GLY D 99 6.91 5.97 -17.91
N GLY D 100 6.71 4.75 -17.41
CA GLY D 100 5.44 4.41 -16.77
C GLY D 100 5.14 5.21 -15.52
N GLY D 101 6.14 5.84 -14.93
CA GLY D 101 5.88 6.66 -13.76
C GLY D 101 6.27 5.99 -12.45
N THR D 102 6.71 6.82 -11.51
CA THR D 102 7.05 6.38 -10.16
C THR D 102 6.26 7.20 -9.16
N LYS D 103 5.43 6.53 -8.40
CA LYS D 103 4.63 7.18 -7.37
C LYS D 103 5.52 7.25 -6.13
N VAL D 104 5.63 8.43 -5.52
CA VAL D 104 6.48 8.60 -4.34
C VAL D 104 5.61 9.11 -3.20
N GLU D 105 5.49 8.32 -2.15
CA GLU D 105 4.66 8.63 -1.00
C GLU D 105 5.53 9.07 0.18
N ILE D 106 4.89 9.30 1.33
CA ILE D 106 5.59 9.66 2.56
C ILE D 106 5.10 8.75 3.67
N LYS D 107 6.02 8.22 4.46
CA LYS D 107 5.65 7.43 5.62
C LYS D 107 5.80 8.35 6.83
N ARG D 108 4.81 8.34 7.71
CA ARG D 108 4.83 9.27 8.84
C ARG D 108 4.20 8.63 10.07
N THR D 109 4.02 9.43 11.11
CA THR D 109 3.40 9.01 12.37
C THR D 109 1.95 8.57 12.18
N VAL D 110 1.53 7.60 12.99
CA VAL D 110 0.11 7.22 12.93
C VAL D 110 -0.71 8.38 13.45
N ALA D 111 -1.72 8.75 12.69
CA ALA D 111 -2.65 9.81 13.03
C ALA D 111 -4.03 9.20 13.02
N ALA D 112 -4.80 9.43 14.10
CA ALA D 112 -6.13 8.87 14.07
C ALA D 112 -7.06 9.87 13.40
N PRO D 113 -8.21 9.43 12.93
CA PRO D 113 -9.09 10.35 12.20
C PRO D 113 -10.05 11.09 13.11
N SER D 114 -10.68 12.11 12.54
CA SER D 114 -11.74 12.87 13.19
C SER D 114 -12.99 12.45 12.44
N VAL D 115 -14.04 12.10 13.16
CA VAL D 115 -15.23 11.54 12.55
C VAL D 115 -16.37 12.54 12.65
N PHE D 116 -16.86 12.95 11.49
CA PHE D 116 -17.91 13.95 11.37
C PHE D 116 -19.05 13.28 10.63
N ILE D 117 -20.28 13.57 11.03
CA ILE D 117 -21.45 12.98 10.40
C ILE D 117 -22.31 14.14 9.90
N PHE D 118 -22.88 13.98 8.71
CA PHE D 118 -23.71 15.02 8.11
C PHE D 118 -25.07 14.42 7.76
N PRO D 119 -26.14 14.91 8.36
CA PRO D 119 -27.50 14.49 7.99
C PRO D 119 -27.93 15.19 6.71
N PRO D 120 -28.90 14.61 5.99
CA PRO D 120 -29.37 15.24 4.75
C PRO D 120 -29.85 16.67 4.95
N SER D 121 -29.62 17.48 3.92
CA SER D 121 -30.14 18.84 3.83
C SER D 121 -31.63 18.82 3.55
N ASP D 122 -32.38 19.77 4.14
CA ASP D 122 -33.80 19.86 3.83
C ASP D 122 -34.01 20.04 2.33
N GLU D 123 -33.08 20.71 1.65
CA GLU D 123 -33.19 20.90 0.20
C GLU D 123 -33.19 19.56 -0.54
N GLN D 124 -32.27 18.66 -0.16
CA GLN D 124 -32.22 17.37 -0.86
C GLN D 124 -33.44 16.53 -0.52
N LEU D 125 -33.98 16.72 0.69
CA LEU D 125 -35.10 15.89 1.13
C LEU D 125 -36.33 16.22 0.31
N LYS D 126 -36.60 17.51 0.10
CA LYS D 126 -37.76 17.86 -0.70
C LYS D 126 -37.67 17.28 -2.11
N SER D 127 -36.44 17.03 -2.60
CA SER D 127 -36.20 16.44 -3.92
C SER D 127 -36.27 14.92 -3.96
N GLY D 128 -36.58 14.24 -2.86
CA GLY D 128 -36.94 12.82 -2.88
C GLY D 128 -35.87 11.84 -2.40
N THR D 129 -34.60 12.23 -2.33
CA THR D 129 -33.52 11.32 -1.92
C THR D 129 -32.86 11.84 -0.64
N ALA D 130 -32.13 10.96 0.05
CA ALA D 130 -31.44 11.35 1.28
C ALA D 130 -30.04 10.78 1.26
N SER D 131 -29.05 11.62 1.53
CA SER D 131 -27.65 11.24 1.60
C SER D 131 -27.10 11.58 2.97
N VAL D 132 -26.55 10.57 3.64
CA VAL D 132 -25.93 10.73 4.96
C VAL D 132 -24.44 10.55 4.76
N VAL D 133 -23.67 11.62 5.02
CA VAL D 133 -22.24 11.64 4.69
C VAL D 133 -21.40 11.51 5.97
N CYS D 134 -20.45 10.58 5.96
CA CYS D 134 -19.51 10.40 7.06
C CYS D 134 -18.12 10.82 6.60
N LEU D 135 -17.46 11.67 7.38
CA LEU D 135 -16.15 12.21 7.05
C LEU D 135 -15.12 11.66 8.04
N LEU D 136 -14.02 11.12 7.50
CA LEU D 136 -12.82 10.78 8.22
C LEU D 136 -11.77 11.82 7.86
N ASN D 137 -11.27 12.54 8.85
CA ASN D 137 -10.37 13.65 8.59
C ASN D 137 -8.98 13.45 9.16
N ASN D 138 -7.97 13.71 8.32
CA ASN D 138 -6.54 13.78 8.63
C ASN D 138 -5.95 12.56 9.36
N PHE D 139 -6.06 11.38 8.75
CA PHE D 139 -5.52 10.17 9.38
C PHE D 139 -4.38 9.56 8.58
N TYR D 140 -3.71 8.55 9.19
CA TYR D 140 -2.59 7.78 8.62
C TYR D 140 -2.41 6.47 9.38
N PRO D 141 -2.26 5.31 8.71
CA PRO D 141 -2.10 4.99 7.29
C PRO D 141 -3.43 5.10 6.52
N ARG D 142 -3.48 4.66 5.25
CA ARG D 142 -4.68 4.91 4.46
C ARG D 142 -5.75 3.86 4.78
N GLU D 143 -5.34 2.68 5.22
CA GLU D 143 -6.29 1.63 5.56
C GLU D 143 -7.21 2.05 6.70
N ALA D 144 -8.52 2.05 6.46
CA ALA D 144 -9.51 2.38 7.50
C ALA D 144 -10.93 2.00 7.08
N LYS D 145 -11.69 1.34 7.95
CA LYS D 145 -13.05 0.95 7.57
C LYS D 145 -14.08 1.90 8.12
N VAL D 146 -15.20 2.01 7.40
CA VAL D 146 -16.41 2.68 7.86
C VAL D 146 -17.59 1.76 7.60
N GLN D 147 -18.29 1.42 8.67
CA GLN D 147 -19.48 0.60 8.67
C GLN D 147 -20.70 1.50 8.89
N TRP D 148 -21.76 1.24 8.15
CA TRP D 148 -22.99 2.03 8.30
C TRP D 148 -24.01 1.25 9.11
N LYS D 149 -24.63 1.94 10.06
CA LYS D 149 -25.66 1.36 10.92
C LYS D 149 -26.86 2.27 10.88
N VAL D 150 -28.03 1.71 10.57
CA VAL D 150 -29.27 2.46 10.60
C VAL D 150 -30.21 1.64 11.47
N ASP D 151 -30.40 2.08 12.70
CA ASP D 151 -31.16 1.36 13.73
C ASP D 151 -30.47 0.04 14.05
N ASN D 152 -29.13 0.08 14.04
CA ASN D 152 -28.22 -1.04 14.24
C ASN D 152 -28.17 -2.01 13.06
N ALA D 153 -29.03 -1.83 12.06
CA ALA D 153 -28.93 -2.69 10.89
C ALA D 153 -27.70 -2.25 10.11
N LEU D 154 -26.77 -3.18 9.91
CA LEU D 154 -25.60 -2.89 9.12
C LEU D 154 -25.95 -2.93 7.64
N GLN D 155 -25.35 -2.03 6.86
CA GLN D 155 -25.84 -1.73 5.52
C GLN D 155 -24.86 -2.20 4.45
N SER D 156 -25.40 -2.56 3.29
CA SER D 156 -24.61 -2.87 2.10
C SER D 156 -25.48 -2.66 0.86
N GLY D 157 -24.89 -2.12 -0.20
CA GLY D 157 -25.59 -1.79 -1.41
C GLY D 157 -26.00 -0.34 -1.51
N ASN D 158 -25.95 0.39 -0.39
CA ASN D 158 -26.34 1.79 -0.31
C ASN D 158 -25.20 2.68 0.15
N SER D 159 -23.99 2.18 0.15
CA SER D 159 -22.85 2.94 0.64
C SER D 159 -21.79 3.08 -0.46
N GLN D 160 -21.04 4.17 -0.38
CA GLN D 160 -19.92 4.40 -1.31
C GLN D 160 -18.91 5.28 -0.60
N GLU D 161 -17.61 4.99 -0.79
CA GLU D 161 -16.58 5.80 -0.14
C GLU D 161 -15.61 6.32 -1.17
N SER D 162 -14.87 7.35 -0.74
CA SER D 162 -13.84 7.97 -1.54
C SER D 162 -12.73 8.41 -0.58
N VAL D 163 -11.50 8.42 -1.08
CA VAL D 163 -10.33 8.81 -0.28
C VAL D 163 -9.43 9.73 -1.07
N THR D 164 -8.88 10.73 -0.39
CA THR D 164 -8.00 11.65 -1.08
C THR D 164 -6.60 11.08 -1.23
N GLU D 165 -5.82 11.74 -2.04
CA GLU D 165 -4.41 11.43 -2.16
C GLU D 165 -3.70 12.11 -0.99
N GLN D 166 -2.47 11.69 -0.73
CA GLN D 166 -1.77 12.17 0.46
C GLN D 166 -1.61 13.69 0.44
N ASP D 167 -1.85 14.30 1.60
CA ASP D 167 -1.79 15.74 1.75
C ASP D 167 -0.38 16.27 1.50
N SER D 168 -0.30 17.49 0.97
CA SER D 168 0.99 18.10 0.67
C SER D 168 1.64 18.74 1.88
N LYS D 169 0.95 18.84 3.01
CA LYS D 169 1.52 19.43 4.22
C LYS D 169 1.71 18.36 5.29
N ASP D 170 0.65 17.86 5.89
CA ASP D 170 0.75 16.89 6.97
C ASP D 170 0.89 15.46 6.49
N SER D 171 0.78 15.21 5.17
CA SER D 171 0.93 13.89 4.57
C SER D 171 -0.15 12.90 5.03
N THR D 172 -1.32 13.38 5.43
CA THR D 172 -2.37 12.49 5.89
C THR D 172 -3.39 12.28 4.79
N TYR D 173 -4.38 11.43 5.08
CA TYR D 173 -5.44 11.12 4.16
C TYR D 173 -6.79 11.50 4.79
N SER D 174 -7.79 11.63 3.93
CA SER D 174 -9.17 11.89 4.34
C SER D 174 -10.09 11.00 3.51
N LEU D 175 -11.29 10.71 4.05
CA LEU D 175 -12.26 9.85 3.36
C LEU D 175 -13.68 10.29 3.63
N SER D 176 -14.54 10.12 2.61
CA SER D 176 -15.98 10.37 2.77
C SER D 176 -16.79 9.15 2.36
N SER D 177 -17.75 8.75 3.20
CA SER D 177 -18.67 7.65 2.91
C SER D 177 -20.09 8.21 2.82
N THR D 178 -20.78 7.90 1.74
CA THR D 178 -22.12 8.42 1.49
C THR D 178 -23.11 7.26 1.52
N LEU D 179 -24.19 7.47 2.26
CA LEU D 179 -25.30 6.54 2.44
C LEU D 179 -26.50 7.12 1.69
N THR D 180 -26.99 6.41 0.68
CA THR D 180 -28.10 6.92 -0.14
C THR D 180 -29.33 6.04 0.10
N LEU D 181 -30.35 6.63 0.70
CA LEU D 181 -31.67 6.05 0.87
C LEU D 181 -32.74 6.89 0.18
N SER D 182 -33.96 6.37 0.19
CA SER D 182 -35.03 7.22 -0.30
C SER D 182 -35.35 8.23 0.77
N LYS D 183 -36.17 9.21 0.42
CA LYS D 183 -36.71 10.01 1.51
C LYS D 183 -37.63 9.10 2.30
N ALA D 184 -38.31 8.18 1.59
CA ALA D 184 -39.25 7.25 2.21
C ALA D 184 -38.55 6.22 3.10
N ASP D 185 -37.51 5.54 2.59
CA ASP D 185 -36.80 4.61 3.47
C ASP D 185 -36.15 5.37 4.62
N TYR D 186 -35.72 6.60 4.35
CA TYR D 186 -35.12 7.46 5.37
C TYR D 186 -36.15 7.75 6.45
N GLU D 187 -37.45 7.66 6.11
CA GLU D 187 -38.49 8.08 7.04
C GLU D 187 -38.87 6.98 8.02
N LYS D 188 -38.64 5.72 7.67
CA LYS D 188 -38.95 4.58 8.54
C LYS D 188 -37.98 4.36 9.71
N HIS D 189 -36.88 5.13 9.84
CA HIS D 189 -35.93 4.89 10.91
C HIS D 189 -35.53 6.19 11.59
N LYS D 190 -35.00 6.08 12.81
CA LYS D 190 -34.67 7.25 13.62
C LYS D 190 -33.22 7.43 14.06
N VAL D 191 -32.38 6.39 14.06
CA VAL D 191 -30.96 6.58 14.41
C VAL D 191 -30.08 6.19 13.24
N TYR D 192 -29.20 7.12 12.84
CA TYR D 192 -28.24 6.90 11.75
C TYR D 192 -26.82 7.04 12.33
N ALA D 193 -26.03 5.96 12.22
CA ALA D 193 -24.69 5.93 12.79
C ALA D 193 -23.63 5.50 11.78
N CYS D 194 -22.41 5.98 12.04
CA CYS D 194 -21.23 5.70 11.25
C CYS D 194 -20.15 5.17 12.19
N GLU D 195 -19.85 3.87 12.06
CA GLU D 195 -18.82 3.20 12.83
C GLU D 195 -17.50 3.20 12.08
N VAL D 196 -16.44 3.65 12.75
CA VAL D 196 -15.15 3.84 12.10
C VAL D 196 -14.13 3.02 12.86
N THR D 197 -13.28 2.33 12.11
CA THR D 197 -12.25 1.49 12.70
C THR D 197 -10.95 1.80 11.99
N HIS D 198 -9.91 1.99 12.80
CA HIS D 198 -8.60 2.41 12.32
C HIS D 198 -7.60 2.13 13.43
N GLN D 199 -6.36 1.87 13.02
CA GLN D 199 -5.29 1.53 13.95
C GLN D 199 -4.85 2.70 14.84
N GLY D 200 -5.34 3.91 14.62
CA GLY D 200 -5.01 4.98 15.54
C GLY D 200 -6.04 5.09 16.64
N LEU D 201 -7.15 4.36 16.47
CA LEU D 201 -8.25 4.27 17.42
C LEU D 201 -8.02 3.04 18.30
N SER D 202 -8.03 3.21 19.62
CA SER D 202 -7.92 2.05 20.49
C SER D 202 -9.08 1.07 20.26
N SER D 203 -10.30 1.58 20.14
CA SER D 203 -11.51 0.84 19.80
C SER D 203 -12.31 1.67 18.82
N PRO D 204 -13.08 1.03 17.94
CA PRO D 204 -13.87 1.77 16.94
C PRO D 204 -14.82 2.80 17.52
N VAL D 205 -15.00 3.89 16.75
CA VAL D 205 -15.72 5.09 17.15
C VAL D 205 -17.00 5.20 16.35
N THR D 206 -18.09 5.58 17.02
CA THR D 206 -19.37 5.73 16.36
C THR D 206 -19.79 7.19 16.48
N LYS D 207 -20.12 7.81 15.34
CA LYS D 207 -20.90 9.04 15.35
C LYS D 207 -22.34 8.67 15.02
N SER D 208 -23.28 9.42 15.58
CA SER D 208 -24.65 9.06 15.34
C SER D 208 -25.53 10.28 15.54
N PHE D 209 -26.61 10.33 14.77
CA PHE D 209 -27.58 11.40 14.92
C PHE D 209 -28.99 10.82 14.86
N ASN D 210 -29.85 11.36 15.73
CA ASN D 210 -31.27 11.05 15.74
C ASN D 210 -31.94 11.94 14.70
N ARG D 211 -32.82 11.36 13.89
CA ARG D 211 -33.30 11.98 12.66
C ARG D 211 -33.91 13.38 12.83
N GLY D 212 -33.36 14.34 12.09
CA GLY D 212 -33.77 15.72 11.95
C GLY D 212 -33.61 16.68 13.11
N GLU D 213 -32.91 16.30 14.18
CA GLU D 213 -32.78 17.20 15.33
C GLU D 213 -31.44 17.08 16.03
#